data_5JHW
#
_entry.id   5JHW
#
_cell.length_a   55.960
_cell.length_b   59.080
_cell.length_c   288.460
_cell.angle_alpha   90.000
_cell.angle_beta   90.000
_cell.angle_gamma   90.000
#
_symmetry.space_group_name_H-M   'P 21 21 21'
#
loop_
_entity.id
_entity.type
_entity.pdbx_description
1 polymer 'Growth/differentiation factor 11'
2 polymer Follistatin
3 non-polymer 'PHOSPHATE ION'
4 non-polymer 'CITRATE ANION'
5 water water
#
loop_
_entity_poly.entity_id
_entity_poly.type
_entity_poly.pdbx_seq_one_letter_code
_entity_poly.pdbx_strand_id
1 'polypeptide(L)'
;NLGLDCDEHSSESRCCRYPLTVDFEAFGWDWIIAPKRYKANYCSGQCEYMFMQKYPHTHLVQQANPRGSAGPCCTPTKMS
PINMLYFNDKQQIIYGKIPGMVVDRCGCS
;
A,B
2 'polypeptide(L)'
;GNCWLRQAKNGRCQVLYKTELSKEECCSTGRLSTSWTEEDVNDNTLFKWMIFNGGAPNCIPCKETCENVDCGPGKKCRMN
KKNKPRCVCAPDCSNITWKGPVCGLDGKTYRNECALLKARCKEQPELEVQYQGRCKKTCRDVFCPGSSTCVVDQTNNAYC
VTCNRICPEPASSEQYLCGNDGVTYSSACHLRKATCLLGRSIGLAYEGKCIKAKSCEDIQCTGGKKCLWDFKVGRGRCSL
CDELCPDSKSDEPVCASDNATYASECAMKEAACSSGVLLEVKHSGSCN
;
C,D
#
# COMPACT_ATOMS: atom_id res chain seq x y z
N ASN A 1 -0.74 -15.32 -5.96
CA ASN A 1 -2.13 -15.63 -6.30
C ASN A 1 -2.76 -14.47 -7.07
N LEU A 2 -2.62 -13.27 -6.54
CA LEU A 2 -3.10 -12.07 -7.22
C LEU A 2 -2.07 -11.59 -8.24
N GLY A 3 -0.93 -12.27 -8.30
CA GLY A 3 0.13 -11.86 -9.20
C GLY A 3 0.62 -12.96 -10.12
N LEU A 4 1.30 -12.54 -11.16
CA LEU A 4 1.82 -13.47 -12.15
C LEU A 4 3.35 -13.52 -12.06
N ASP A 5 3.92 -14.73 -12.10
CA ASP A 5 5.37 -14.90 -12.05
C ASP A 5 5.92 -15.48 -13.35
N CYS A 6 7.02 -14.91 -13.81
CA CYS A 6 7.66 -15.38 -15.03
C CYS A 6 9.15 -15.52 -14.83
N ASP A 7 9.80 -16.25 -15.73
CA ASP A 7 11.24 -16.26 -15.74
C ASP A 7 11.71 -15.82 -17.09
N GLU A 8 13.03 -15.81 -17.25
CA GLU A 8 13.60 -15.37 -18.50
C GLU A 8 13.19 -16.23 -19.66
N HIS A 9 12.91 -17.52 -19.49
CA HIS A 9 12.60 -18.14 -20.77
C HIS A 9 11.08 -18.42 -20.76
N SER A 10 10.34 -17.31 -20.56
CA SER A 10 8.88 -17.22 -20.62
C SER A 10 8.56 -16.29 -21.77
N SER A 11 7.47 -16.57 -22.48
CA SER A 11 7.06 -15.73 -23.59
C SER A 11 5.83 -14.91 -23.24
N GLU A 12 5.71 -14.63 -21.94
CA GLU A 12 4.60 -13.86 -21.39
C GLU A 12 4.78 -12.38 -21.72
N SER A 13 3.83 -11.81 -22.44
CA SER A 13 3.94 -10.40 -22.83
C SER A 13 3.36 -9.46 -21.77
N ARG A 14 2.42 -9.95 -20.98
CA ARG A 14 1.74 -9.11 -19.97
C ARG A 14 2.61 -8.83 -18.75
N CYS A 15 2.23 -7.78 -18.02
CA CYS A 15 2.92 -7.37 -16.79
C CYS A 15 3.14 -8.55 -15.84
N CYS A 16 4.39 -8.77 -15.47
CA CYS A 16 4.78 -9.98 -14.79
C CYS A 16 5.98 -9.77 -13.88
N ARG A 17 6.13 -10.64 -12.88
CA ARG A 17 7.29 -10.56 -12.00
C ARG A 17 8.39 -11.54 -12.43
N TYR A 18 9.58 -11.00 -12.64
CA TYR A 18 10.75 -11.78 -13.04
C TYR A 18 11.76 -11.85 -11.91
N PRO A 19 12.60 -12.90 -11.88
CA PRO A 19 13.62 -12.99 -10.83
C PRO A 19 14.79 -12.03 -11.05
N LEU A 20 15.36 -11.55 -9.96
CA LEU A 20 16.55 -10.71 -9.99
C LEU A 20 17.28 -10.75 -8.66
N THR A 21 18.52 -11.23 -8.70
CA THR A 21 19.35 -11.25 -7.51
C THR A 21 20.20 -9.97 -7.46
N VAL A 22 20.15 -9.31 -6.31
CA VAL A 22 21.00 -8.15 -6.06
C VAL A 22 22.16 -8.60 -5.20
N ASP A 23 23.38 -8.36 -5.67
CA ASP A 23 24.57 -8.75 -4.92
C ASP A 23 25.25 -7.54 -4.33
N PHE A 24 25.21 -7.40 -3.02
CA PHE A 24 25.75 -6.20 -2.38
C PHE A 24 27.27 -6.09 -2.50
N GLU A 25 27.97 -7.22 -2.52
CA GLU A 25 29.44 -7.16 -2.71
C GLU A 25 29.80 -6.74 -4.12
N ALA A 26 29.02 -7.23 -5.09
CA ALA A 26 29.25 -6.90 -6.49
C ALA A 26 28.96 -5.43 -6.76
N PHE A 27 28.43 -4.74 -5.75
CA PHE A 27 28.28 -3.30 -5.80
C PHE A 27 29.44 -2.65 -5.04
N GLY A 28 30.09 -3.45 -4.19
CA GLY A 28 31.25 -2.98 -3.43
C GLY A 28 30.91 -2.52 -2.03
N TRP A 29 29.65 -2.68 -1.64
CA TRP A 29 29.14 -2.10 -0.40
C TRP A 29 29.57 -2.89 0.83
N ASP A 30 30.72 -2.52 1.38
CA ASP A 30 31.26 -3.22 2.52
C ASP A 30 30.48 -2.89 3.79
N TRP A 31 29.67 -1.83 3.73
CA TRP A 31 28.91 -1.43 4.92
C TRP A 31 27.71 -2.33 5.15
N ILE A 32 27.41 -3.19 4.18
CA ILE A 32 26.43 -4.26 4.42
C ILE A 32 27.16 -5.54 4.82
N ILE A 33 26.83 -6.04 6.00
CA ILE A 33 27.46 -7.25 6.53
C ILE A 33 26.73 -8.51 6.04
N ALA A 34 25.41 -8.50 6.15
CA ALA A 34 24.58 -9.62 5.72
C ALA A 34 23.16 -9.14 5.41
N PRO A 35 22.52 -9.75 4.40
CA PRO A 35 23.05 -10.80 3.52
C PRO A 35 23.97 -10.22 2.44
N LYS A 36 24.75 -11.07 1.79
CA LYS A 36 25.64 -10.63 0.73
C LYS A 36 24.86 -10.43 -0.57
N ARG A 37 23.75 -11.14 -0.67
CA ARG A 37 22.90 -11.09 -1.85
C ARG A 37 21.49 -11.53 -1.49
N TYR A 38 20.54 -11.23 -2.36
CA TYR A 38 19.15 -11.58 -2.11
C TYR A 38 18.30 -11.47 -3.37
N LYS A 39 17.14 -12.10 -3.35
N LYS A 39 17.11 -12.05 -3.33
CA LYS A 39 16.23 -12.07 -4.47
CA LYS A 39 16.22 -12.08 -4.47
C LYS A 39 15.33 -10.84 -4.40
C LYS A 39 15.29 -10.87 -4.46
N ALA A 40 15.63 -9.84 -5.24
CA ALA A 40 14.86 -8.60 -5.25
C ALA A 40 13.69 -8.66 -6.23
N ASN A 41 13.90 -9.36 -7.34
CA ASN A 41 12.94 -9.45 -8.45
C ASN A 41 12.64 -8.09 -9.08
N TYR A 42 11.90 -8.09 -10.19
CA TYR A 42 11.51 -6.84 -10.85
C TYR A 42 10.30 -7.06 -11.74
N CYS A 43 9.65 -5.96 -12.13
CA CYS A 43 8.46 -6.02 -12.97
C CYS A 43 8.75 -5.69 -14.42
N SER A 44 8.11 -6.44 -15.32
CA SER A 44 8.25 -6.20 -16.74
C SER A 44 7.09 -6.81 -17.50
N GLY A 45 6.60 -6.08 -18.50
CA GLY A 45 5.51 -6.56 -19.34
C GLY A 45 4.57 -5.43 -19.75
N GLN A 46 3.65 -5.74 -20.66
CA GLN A 46 2.74 -4.74 -21.19
C GLN A 46 1.56 -4.50 -20.26
N CYS A 47 1.05 -3.28 -20.28
CA CYS A 47 -0.17 -2.94 -19.58
C CYS A 47 -1.18 -2.33 -20.56
N GLU A 48 -1.98 -3.18 -21.18
CA GLU A 48 -2.96 -2.71 -22.14
C GLU A 48 -4.35 -2.91 -21.60
N TYR A 49 -5.31 -2.18 -22.15
CA TYR A 49 -6.72 -2.39 -21.82
C TYR A 49 -6.93 -2.20 -20.32
N MET A 50 -7.55 -3.18 -19.68
CA MET A 50 -7.84 -3.15 -18.25
C MET A 50 -7.11 -4.26 -17.52
N PHE A 51 -6.22 -4.94 -18.24
CA PHE A 51 -5.53 -6.10 -17.71
C PHE A 51 -4.65 -5.78 -16.48
N MET A 52 -4.64 -6.69 -15.51
CA MET A 52 -3.72 -6.63 -14.37
C MET A 52 -3.87 -5.36 -13.56
N GLN A 53 -5.07 -4.80 -13.54
CA GLN A 53 -5.31 -3.55 -12.84
C GLN A 53 -6.01 -3.82 -11.53
N LYS A 54 -5.62 -3.08 -10.50
CA LYS A 54 -6.12 -3.31 -9.16
C LYS A 54 -7.12 -2.23 -8.80
N TYR A 55 -6.73 -0.99 -9.09
CA TYR A 55 -7.53 0.17 -8.74
C TYR A 55 -8.26 0.77 -9.93
N PRO A 56 -9.52 1.16 -9.73
CA PRO A 56 -10.37 1.73 -10.80
C PRO A 56 -9.83 3.05 -11.36
N HIS A 57 -8.98 3.73 -10.59
CA HIS A 57 -8.45 5.02 -11.01
C HIS A 57 -7.70 4.93 -12.33
N THR A 58 -6.95 3.84 -12.51
CA THR A 58 -6.19 3.59 -13.74
C THR A 58 -7.07 3.66 -14.99
N HIS A 59 -8.18 2.94 -14.95
CA HIS A 59 -9.12 2.91 -16.06
C HIS A 59 -9.66 4.31 -16.35
N LEU A 60 -9.88 5.08 -15.28
CA LEU A 60 -10.44 6.43 -15.42
C LEU A 60 -9.49 7.41 -16.08
N VAL A 61 -8.19 7.28 -15.80
CA VAL A 61 -7.20 8.13 -16.46
C VAL A 61 -7.11 7.80 -17.95
N GLN A 62 -7.17 6.50 -18.26
CA GLN A 62 -7.12 6.03 -19.65
C GLN A 62 -8.24 6.66 -20.47
N GLN A 63 -9.43 6.78 -19.88
CA GLN A 63 -10.56 7.37 -20.58
C GLN A 63 -10.39 8.87 -20.75
N ALA A 64 -10.04 9.54 -19.67
CA ALA A 64 -9.85 10.98 -19.68
C ALA A 64 -8.69 11.35 -20.59
N ASN A 65 -7.68 10.49 -20.60
CA ASN A 65 -6.45 10.72 -21.37
C ASN A 65 -5.96 12.17 -21.29
N PRO A 66 -5.65 12.64 -20.07
CA PRO A 66 -5.23 14.04 -19.92
C PRO A 66 -3.78 14.25 -20.37
N ARG A 67 -3.39 15.51 -20.52
CA ARG A 67 -2.04 15.85 -20.99
C ARG A 67 -0.95 15.34 -20.05
N GLY A 68 -0.01 14.59 -20.63
CA GLY A 68 1.14 14.10 -19.91
C GLY A 68 0.84 12.78 -19.22
N SER A 69 -0.35 12.26 -19.47
CA SER A 69 -0.75 10.98 -18.89
C SER A 69 -0.25 9.81 -19.73
N ALA A 70 0.68 9.06 -19.18
CA ALA A 70 1.24 7.92 -19.86
C ALA A 70 0.31 6.75 -19.60
N GLY A 71 0.41 5.70 -20.42
CA GLY A 71 -0.43 4.53 -20.21
C GLY A 71 -0.05 3.89 -18.89
N PRO A 72 -0.79 2.87 -18.45
CA PRO A 72 -0.45 2.24 -17.18
C PRO A 72 0.95 1.62 -17.27
N CYS A 73 1.70 1.62 -16.18
CA CYS A 73 3.01 0.97 -16.20
C CYS A 73 3.02 -0.29 -15.36
N CYS A 74 3.84 -1.23 -15.76
CA CYS A 74 4.03 -2.44 -15.00
C CYS A 74 4.91 -2.12 -13.80
N THR A 75 4.35 -2.19 -12.60
CA THR A 75 5.00 -1.66 -11.42
C THR A 75 4.65 -2.52 -10.19
N PRO A 76 5.51 -2.50 -9.15
CA PRO A 76 5.19 -3.30 -7.97
C PRO A 76 3.87 -2.88 -7.30
N THR A 77 3.05 -3.86 -6.96
CA THR A 77 1.78 -3.59 -6.27
C THR A 77 1.85 -4.14 -4.85
N LYS A 78 2.92 -4.88 -4.58
CA LYS A 78 3.18 -5.36 -3.23
C LYS A 78 4.68 -5.49 -3.02
N MET A 79 5.15 -4.96 -1.89
CA MET A 79 6.58 -4.99 -1.55
C MET A 79 6.80 -5.68 -0.21
N SER A 80 7.97 -6.32 -0.06
CA SER A 80 8.38 -6.90 1.20
C SER A 80 9.74 -6.38 1.66
N PRO A 81 9.96 -6.36 2.98
CA PRO A 81 11.28 -6.01 3.51
C PRO A 81 12.23 -7.20 3.52
N ILE A 82 13.51 -6.94 3.79
CA ILE A 82 14.41 -7.98 4.21
C ILE A 82 15.11 -7.53 5.46
N ASN A 83 15.56 -8.50 6.26
CA ASN A 83 16.34 -8.21 7.43
C ASN A 83 17.79 -8.04 7.02
N MET A 84 18.44 -7.03 7.56
CA MET A 84 19.82 -6.77 7.18
C MET A 84 20.67 -6.50 8.39
N LEU A 85 21.93 -6.88 8.26
CA LEU A 85 22.93 -6.55 9.25
C LEU A 85 23.94 -5.65 8.55
N TYR A 86 24.15 -4.44 9.08
CA TYR A 86 24.93 -3.45 8.36
C TYR A 86 25.59 -2.46 9.31
N PHE A 87 26.54 -1.70 8.80
CA PHE A 87 27.17 -0.61 9.52
C PHE A 87 26.43 0.70 9.28
N ASN A 88 26.01 1.36 10.36
CA ASN A 88 25.41 2.69 10.22
C ASN A 88 26.48 3.78 10.11
N ASP A 89 26.03 5.04 10.08
CA ASP A 89 26.93 6.18 9.97
C ASP A 89 28.04 6.20 11.04
N LYS A 90 27.73 5.69 12.23
CA LYS A 90 28.72 5.60 13.31
C LYS A 90 29.56 4.33 13.22
N GLN A 91 29.34 3.56 12.16
CA GLN A 91 30.02 2.27 11.96
C GLN A 91 29.67 1.28 13.07
N GLN A 92 28.48 1.41 13.63
CA GLN A 92 27.96 0.44 14.58
C GLN A 92 27.33 -0.73 13.83
N ILE A 93 27.40 -1.92 14.40
CA ILE A 93 26.74 -3.07 13.83
C ILE A 93 25.24 -2.98 14.12
N ILE A 94 24.45 -2.79 13.07
CA ILE A 94 23.02 -2.60 13.26
C ILE A 94 22.23 -3.69 12.54
N TYR A 95 21.29 -4.28 13.24
CA TYR A 95 20.32 -5.17 12.62
C TYR A 95 19.05 -4.39 12.36
N GLY A 96 18.46 -4.59 11.19
CA GLY A 96 17.23 -3.88 10.88
C GLY A 96 16.38 -4.48 9.78
N LYS A 97 15.07 -4.30 9.91
N LYS A 97 15.08 -4.30 9.90
CA LYS A 97 14.13 -4.68 8.86
CA LYS A 97 14.16 -4.72 8.87
C LYS A 97 14.03 -3.53 7.88
C LYS A 97 14.01 -3.57 7.87
N ILE A 98 14.45 -3.78 6.64
CA ILE A 98 14.47 -2.72 5.63
C ILE A 98 13.32 -2.85 4.63
N PRO A 99 12.32 -1.97 4.72
CA PRO A 99 11.13 -2.01 3.85
C PRO A 99 11.43 -1.76 2.39
N GLY A 100 10.57 -2.30 1.52
CA GLY A 100 10.63 -1.99 0.11
C GLY A 100 11.87 -2.51 -0.59
N MET A 101 12.29 -3.71 -0.20
CA MET A 101 13.48 -4.30 -0.79
C MET A 101 13.14 -5.39 -1.80
N VAL A 102 12.03 -6.10 -1.55
CA VAL A 102 11.59 -7.20 -2.40
C VAL A 102 10.27 -6.89 -3.09
N VAL A 103 10.19 -7.16 -4.39
CA VAL A 103 8.92 -7.09 -5.09
C VAL A 103 8.19 -8.42 -4.98
N ASP A 104 7.00 -8.41 -4.38
CA ASP A 104 6.21 -9.62 -4.23
C ASP A 104 5.25 -9.80 -5.39
N ARG A 105 4.79 -8.69 -5.95
CA ARG A 105 3.73 -8.74 -6.93
C ARG A 105 3.80 -7.56 -7.87
N CYS A 106 3.50 -7.81 -9.14
CA CYS A 106 3.55 -6.79 -10.16
C CYS A 106 2.15 -6.58 -10.72
N GLY A 107 1.84 -5.35 -11.10
CA GLY A 107 0.53 -5.04 -11.63
C GLY A 107 0.58 -3.78 -12.46
N CYS A 108 -0.53 -3.49 -13.14
CA CYS A 108 -0.62 -2.33 -14.00
C CYS A 108 -1.28 -1.17 -13.27
N SER A 109 -0.53 -0.09 -13.05
CA SER A 109 -1.04 1.08 -12.34
C SER A 109 -0.97 2.33 -13.20
N ASN B 1 2.72 16.06 1.03
CA ASN B 1 3.86 16.20 1.93
C ASN B 1 5.04 15.36 1.47
N LEU B 2 4.79 14.07 1.26
CA LEU B 2 5.77 13.17 0.68
C LEU B 2 5.69 13.20 -0.83
N GLY B 3 4.71 13.94 -1.33
CA GLY B 3 4.49 14.05 -2.76
C GLY B 3 4.41 15.49 -3.19
N LEU B 4 4.60 15.70 -4.49
CA LEU B 4 4.59 17.03 -5.08
C LEU B 4 3.32 17.27 -5.90
N ASP B 5 2.73 18.44 -5.74
CA ASP B 5 1.50 18.80 -6.46
C ASP B 5 1.77 19.87 -7.52
N CYS B 6 1.19 19.69 -8.70
CA CYS B 6 1.30 20.66 -9.78
C CYS B 6 -0.04 20.99 -10.40
N ASP B 7 -0.09 22.13 -11.09
CA ASP B 7 -1.23 22.53 -11.90
C ASP B 7 -0.76 22.90 -13.31
N GLU B 8 -1.69 23.41 -14.12
CA GLU B 8 -1.36 23.81 -15.49
C GLU B 8 -0.27 24.87 -15.51
N HIS B 9 -0.21 25.68 -14.46
CA HIS B 9 0.77 26.75 -14.35
C HIS B 9 2.08 26.27 -13.75
N SER B 10 2.44 25.01 -14.03
CA SER B 10 3.70 24.46 -13.57
C SER B 10 4.56 24.08 -14.77
N SER B 11 5.87 24.29 -14.64
CA SER B 11 6.82 23.87 -15.66
C SER B 11 7.64 22.72 -15.09
N GLU B 12 7.01 21.99 -14.17
CA GLU B 12 7.63 20.89 -13.46
C GLU B 12 7.80 19.63 -14.29
N SER B 13 9.04 19.19 -14.47
CA SER B 13 9.32 17.99 -15.25
C SER B 13 9.28 16.71 -14.42
N ARG B 14 9.50 16.83 -13.11
CA ARG B 14 9.54 15.65 -12.25
C ARG B 14 8.16 15.06 -12.01
N CYS B 15 8.15 13.79 -11.62
CA CYS B 15 6.93 13.08 -11.26
C CYS B 15 6.10 13.88 -10.26
N CYS B 16 4.84 14.12 -10.60
CA CYS B 16 4.04 15.10 -9.88
C CYS B 16 2.55 14.76 -9.96
N ARG B 17 1.77 15.25 -9.00
CA ARG B 17 0.32 15.05 -9.04
C ARG B 17 -0.40 16.26 -9.62
N TYR B 18 -1.19 16.02 -10.67
CA TYR B 18 -1.95 17.06 -11.34
C TYR B 18 -3.45 16.91 -11.08
N PRO B 19 -4.21 18.01 -11.20
CA PRO B 19 -5.65 17.88 -10.98
C PRO B 19 -6.34 17.18 -12.15
N LEU B 20 -7.40 16.43 -11.86
CA LEU B 20 -8.21 15.84 -12.91
C LEU B 20 -9.60 15.52 -12.37
N THR B 21 -10.60 16.17 -12.96
CA THR B 21 -11.99 15.93 -12.57
C THR B 21 -12.56 14.87 -13.47
N VAL B 22 -13.15 13.84 -12.87
CA VAL B 22 -13.84 12.80 -13.62
C VAL B 22 -15.35 13.02 -13.58
N ASP B 23 -15.97 13.11 -14.75
CA ASP B 23 -17.41 13.28 -14.83
C ASP B 23 -18.04 11.99 -15.31
N PHE B 24 -18.76 11.31 -14.42
CA PHE B 24 -19.34 10.01 -14.73
C PHE B 24 -20.45 10.09 -15.77
N GLU B 25 -21.18 11.19 -15.79
CA GLU B 25 -22.23 11.35 -16.79
C GLU B 25 -21.61 11.54 -18.17
N ALA B 26 -20.52 12.30 -18.23
CA ALA B 26 -19.81 12.55 -19.49
C ALA B 26 -19.14 11.29 -20.02
N PHE B 27 -19.17 10.22 -19.22
CA PHE B 27 -18.71 8.93 -19.69
C PHE B 27 -19.93 8.12 -20.11
N GLY B 28 -21.11 8.55 -19.66
CA GLY B 28 -22.36 7.92 -20.02
C GLY B 28 -22.82 6.92 -18.97
N TRP B 29 -22.05 6.84 -17.88
CA TRP B 29 -22.29 5.82 -16.86
C TRP B 29 -23.47 6.18 -16.01
N ASP B 30 -24.67 5.80 -16.44
CA ASP B 30 -25.85 6.17 -15.71
C ASP B 30 -26.00 5.29 -14.47
N TRP B 31 -25.24 4.21 -14.39
CA TRP B 31 -25.36 3.28 -13.27
C TRP B 31 -24.72 3.86 -12.02
N ILE B 32 -24.00 4.96 -12.16
CA ILE B 32 -23.55 5.71 -11.01
C ILE B 32 -24.56 6.82 -10.73
N ILE B 33 -25.12 6.80 -9.52
CA ILE B 33 -26.11 7.76 -9.10
C ILE B 33 -25.45 9.01 -8.54
N ALA B 34 -24.47 8.82 -7.65
CA ALA B 34 -23.74 9.92 -7.04
C ALA B 34 -22.37 9.45 -6.59
N PRO B 35 -21.36 10.33 -6.67
CA PRO B 35 -21.45 11.70 -7.20
C PRO B 35 -21.46 11.74 -8.73
N LYS B 36 -21.86 12.88 -9.29
CA LYS B 36 -21.85 13.04 -10.74
C LYS B 36 -20.44 13.35 -11.21
N ARG B 37 -19.64 13.86 -10.30
CA ARG B 37 -18.26 14.28 -10.58
C ARG B 37 -17.42 14.21 -9.33
N TYR B 38 -16.11 14.14 -9.52
CA TYR B 38 -15.17 14.15 -8.39
C TYR B 38 -13.76 14.37 -8.90
N LYS B 39 -12.90 14.81 -7.98
CA LYS B 39 -11.50 15.06 -8.28
C LYS B 39 -10.68 13.78 -8.14
N ALA B 40 -10.26 13.24 -9.28
CA ALA B 40 -9.47 12.01 -9.29
C ALA B 40 -7.97 12.26 -9.26
N ASN B 41 -7.54 13.34 -9.92
CA ASN B 41 -6.12 13.66 -10.11
C ASN B 41 -5.41 12.58 -10.91
N TYR B 42 -4.15 12.83 -11.28
CA TYR B 42 -3.36 11.82 -11.96
C TYR B 42 -1.88 12.15 -11.83
N CYS B 43 -1.05 11.16 -12.08
CA CYS B 43 0.39 11.29 -11.97
C CYS B 43 1.02 11.53 -13.32
N SER B 44 2.00 12.43 -13.37
CA SER B 44 2.71 12.69 -14.60
C SER B 44 4.07 13.32 -14.31
N GLY B 45 5.09 12.89 -15.05
CA GLY B 45 6.43 13.43 -14.87
C GLY B 45 7.54 12.41 -15.08
N GLN B 46 8.77 12.90 -15.09
CA GLN B 46 9.96 12.10 -15.33
C GLN B 46 10.42 11.39 -14.05
N CYS B 47 11.02 10.22 -14.21
CA CYS B 47 11.64 9.53 -13.08
C CYS B 47 13.09 9.19 -13.38
N GLU B 48 13.98 10.13 -13.13
CA GLU B 48 15.39 9.93 -13.41
C GLU B 48 16.18 9.91 -12.10
N TYR B 49 17.37 9.31 -12.14
N TYR B 49 17.35 9.27 -12.16
CA TYR B 49 18.28 9.30 -10.99
CA TYR B 49 18.24 9.13 -11.00
C TYR B 49 17.61 8.60 -9.81
C TYR B 49 17.48 8.59 -9.79
N MET B 50 17.60 9.27 -8.65
CA MET B 50 16.99 8.75 -7.43
C MET B 50 15.82 9.62 -6.99
N PHE B 51 15.44 10.58 -7.84
CA PHE B 51 14.43 11.56 -7.50
C PHE B 51 13.05 10.95 -7.25
N MET B 52 12.36 11.50 -6.25
CA MET B 52 10.95 11.18 -5.96
C MET B 52 10.74 9.70 -5.66
N GLN B 53 11.76 9.05 -5.12
CA GLN B 53 11.68 7.63 -4.84
C GLN B 53 11.46 7.36 -3.36
N LYS B 54 10.64 6.35 -3.10
CA LYS B 54 10.24 6.00 -1.75
C LYS B 54 10.94 4.71 -1.30
N TYR B 55 10.94 3.72 -2.18
CA TYR B 55 11.50 2.40 -1.86
C TYR B 55 12.86 2.15 -2.52
N PRO B 56 13.79 1.54 -1.75
CA PRO B 56 15.15 1.26 -2.19
C PRO B 56 15.23 0.28 -3.36
N HIS B 57 14.19 -0.53 -3.55
CA HIS B 57 14.19 -1.53 -4.63
C HIS B 57 14.37 -0.91 -6.00
N THR B 58 13.74 0.24 -6.19
CA THR B 58 13.80 0.98 -7.45
C THR B 58 15.25 1.26 -7.84
N HIS B 59 16.00 1.82 -6.90
CA HIS B 59 17.40 2.14 -7.13
C HIS B 59 18.23 0.92 -7.46
N LEU B 60 17.92 -0.20 -6.82
CA LEU B 60 18.67 -1.44 -7.02
C LEU B 60 18.43 -2.01 -8.41
N VAL B 61 17.20 -1.86 -8.91
CA VAL B 61 16.88 -2.30 -10.27
C VAL B 61 17.59 -1.43 -11.31
N GLN B 62 17.61 -0.12 -11.07
CA GLN B 62 18.29 0.80 -11.99
C GLN B 62 19.76 0.42 -12.13
N GLN B 63 20.36 0.00 -11.03
CA GLN B 63 21.76 -0.38 -11.04
C GLN B 63 21.96 -1.69 -11.79
N ALA B 64 21.12 -2.67 -11.49
CA ALA B 64 21.20 -3.96 -12.14
C ALA B 64 20.86 -3.85 -13.63
N ASN B 65 19.93 -2.96 -13.94
CA ASN B 65 19.43 -2.76 -15.30
C ASN B 65 19.15 -4.09 -16.03
N PRO B 66 18.22 -4.89 -15.51
CA PRO B 66 17.95 -6.20 -16.13
C PRO B 66 17.14 -6.06 -17.41
N ARG B 67 17.08 -7.14 -18.19
CA ARG B 67 16.36 -7.13 -19.47
C ARG B 67 14.86 -6.90 -19.27
N GLY B 68 14.32 -5.91 -19.98
CA GLY B 68 12.90 -5.62 -19.94
C GLY B 68 12.48 -4.64 -18.87
N SER B 69 13.46 -4.07 -18.17
CA SER B 69 13.19 -3.06 -17.14
C SER B 69 13.08 -1.69 -17.82
N ALA B 70 11.90 -1.08 -17.77
CA ALA B 70 11.65 0.17 -18.47
C ALA B 70 12.12 1.41 -17.71
N GLY B 71 12.55 1.21 -16.47
CA GLY B 71 12.95 2.31 -15.61
C GLY B 71 11.79 2.63 -14.70
N PRO B 72 11.99 3.52 -13.71
CA PRO B 72 10.89 3.85 -12.80
C PRO B 72 9.75 4.58 -13.51
N CYS B 73 8.52 4.33 -13.09
CA CYS B 73 7.40 5.07 -13.66
C CYS B 73 6.80 6.00 -12.62
N CYS B 74 6.26 7.12 -13.10
CA CYS B 74 5.55 8.06 -12.25
C CYS B 74 4.17 7.46 -11.97
N THR B 75 3.94 7.09 -10.73
CA THR B 75 2.77 6.27 -10.42
C THR B 75 2.21 6.62 -9.06
N PRO B 76 0.92 6.33 -8.83
CA PRO B 76 0.37 6.61 -7.50
C PRO B 76 1.08 5.85 -6.38
N THR B 77 1.42 6.54 -5.30
CA THR B 77 2.03 5.89 -4.14
C THR B 77 1.05 5.91 -2.97
N LYS B 78 -0.03 6.65 -3.14
CA LYS B 78 -1.10 6.66 -2.16
C LYS B 78 -2.45 6.94 -2.81
N MET B 79 -3.44 6.11 -2.48
CA MET B 79 -4.77 6.21 -3.04
C MET B 79 -5.82 6.42 -1.95
N SER B 80 -6.89 7.11 -2.30
CA SER B 80 -8.03 7.27 -1.39
C SER B 80 -9.29 6.73 -2.04
N PRO B 81 -10.23 6.26 -1.21
CA PRO B 81 -11.53 5.86 -1.73
C PRO B 81 -12.43 7.08 -1.90
N ILE B 82 -13.56 6.90 -2.56
CA ILE B 82 -14.67 7.83 -2.43
C ILE B 82 -15.93 7.05 -2.12
N ASN B 83 -16.88 7.73 -1.51
CA ASN B 83 -18.19 7.13 -1.28
C ASN B 83 -19.04 7.27 -2.52
N MET B 84 -19.73 6.21 -2.89
CA MET B 84 -20.56 6.25 -4.09
C MET B 84 -21.93 5.64 -3.88
N LEU B 85 -22.90 6.19 -4.59
CA LEU B 85 -24.23 5.63 -4.65
C LEU B 85 -24.44 5.21 -6.09
N TYR B 86 -24.75 3.93 -6.29
CA TYR B 86 -24.77 3.36 -7.64
C TYR B 86 -25.72 2.18 -7.75
N PHE B 87 -25.99 1.79 -8.99
CA PHE B 87 -26.77 0.60 -9.27
C PHE B 87 -25.85 -0.60 -9.43
N ASN B 88 -26.11 -1.67 -8.68
CA ASN B 88 -25.37 -2.90 -8.89
C ASN B 88 -25.99 -3.66 -10.08
N ASP B 89 -25.47 -4.83 -10.39
CA ASP B 89 -25.99 -5.64 -11.50
C ASP B 89 -27.49 -5.93 -11.40
N LYS B 90 -28.00 -6.02 -10.17
CA LYS B 90 -29.42 -6.28 -9.97
C LYS B 90 -30.21 -4.99 -10.07
N GLN B 91 -29.51 -3.91 -10.40
CA GLN B 91 -30.10 -2.58 -10.49
C GLN B 91 -30.66 -2.14 -9.15
N GLN B 92 -30.06 -2.65 -8.06
CA GLN B 92 -30.40 -2.19 -6.72
C GLN B 92 -29.61 -0.94 -6.39
N ILE B 93 -30.19 -0.04 -5.60
CA ILE B 93 -29.47 1.16 -5.18
C ILE B 93 -28.49 0.78 -4.06
N ILE B 94 -27.21 0.91 -4.35
CA ILE B 94 -26.18 0.51 -3.39
C ILE B 94 -25.29 1.68 -3.01
N TYR B 95 -25.07 1.86 -1.71
CA TYR B 95 -24.06 2.77 -1.22
C TYR B 95 -22.81 1.98 -0.88
N GLY B 96 -21.65 2.48 -1.25
CA GLY B 96 -20.41 1.78 -0.96
C GLY B 96 -19.20 2.66 -1.04
N LYS B 97 -18.21 2.36 -0.20
CA LYS B 97 -16.93 3.05 -0.27
C LYS B 97 -16.08 2.32 -1.28
N ILE B 98 -15.69 3.03 -2.34
CA ILE B 98 -14.96 2.43 -3.44
C ILE B 98 -13.47 2.79 -3.40
N PRO B 99 -12.61 1.82 -3.05
CA PRO B 99 -11.17 2.03 -2.93
C PRO B 99 -10.48 2.38 -4.26
N GLY B 100 -9.35 3.07 -4.16
CA GLY B 100 -8.49 3.33 -5.31
C GLY B 100 -9.10 4.23 -6.38
N MET B 101 -9.84 5.25 -5.94
CA MET B 101 -10.50 6.17 -6.85
C MET B 101 -9.77 7.50 -6.98
N VAL B 102 -9.13 7.93 -5.89
CA VAL B 102 -8.42 9.21 -5.86
C VAL B 102 -6.92 9.00 -5.66
N VAL B 103 -6.11 9.68 -6.44
CA VAL B 103 -4.67 9.70 -6.21
C VAL B 103 -4.32 10.82 -5.22
N ASP B 104 -3.71 10.44 -4.11
CA ASP B 104 -3.31 11.42 -3.10
C ASP B 104 -1.88 11.86 -3.33
N ARG B 105 -1.07 10.95 -3.88
CA ARG B 105 0.34 11.20 -3.99
C ARG B 105 0.96 10.40 -5.12
N CYS B 106 1.93 11.01 -5.79
CA CYS B 106 2.64 10.40 -6.91
C CYS B 106 4.12 10.27 -6.57
N GLY B 107 4.77 9.23 -7.09
CA GLY B 107 6.18 9.02 -6.81
C GLY B 107 6.79 8.16 -7.88
N CYS B 108 8.11 7.99 -7.84
CA CYS B 108 8.81 7.17 -8.82
C CYS B 108 9.06 5.76 -8.28
N SER B 109 8.45 4.77 -8.93
CA SER B 109 8.55 3.38 -8.49
C SER B 109 9.17 2.50 -9.57
N GLY C 1 24.23 21.58 -2.68
CA GLY C 1 23.29 21.06 -1.71
C GLY C 1 22.20 20.22 -2.34
N ASN C 2 21.30 19.70 -1.51
CA ASN C 2 20.21 18.87 -1.99
C ASN C 2 18.87 19.37 -1.53
N CYS C 3 17.88 19.23 -2.41
CA CYS C 3 16.54 19.71 -2.13
C CYS C 3 15.58 18.55 -1.90
N TRP C 4 14.83 18.62 -0.79
CA TRP C 4 14.01 17.51 -0.33
C TRP C 4 12.54 17.89 -0.17
N LEU C 5 11.64 16.93 -0.37
CA LEU C 5 10.21 17.22 -0.28
C LEU C 5 9.74 17.52 1.13
N ARG C 6 10.43 16.96 2.12
CA ARG C 6 10.02 17.16 3.51
C ARG C 6 11.12 16.89 4.52
N GLN C 7 10.92 17.43 5.71
CA GLN C 7 11.68 17.04 6.88
C GLN C 7 10.81 16.04 7.63
N ALA C 8 11.35 14.86 7.92
CA ALA C 8 10.57 13.85 8.62
C ALA C 8 10.43 14.23 10.08
N LYS C 9 9.67 13.44 10.83
CA LYS C 9 9.40 13.77 12.22
C LYS C 9 10.60 13.43 13.09
N ASN C 10 11.53 12.66 12.55
CA ASN C 10 12.80 12.45 13.22
C ASN C 10 13.77 13.59 12.91
N GLY C 11 13.32 14.54 12.11
CA GLY C 11 14.11 15.72 11.79
C GLY C 11 15.03 15.64 10.57
N ARG C 12 15.08 14.48 9.92
CA ARG C 12 15.97 14.30 8.77
C ARG C 12 15.24 14.48 7.43
N CYS C 13 16.00 14.78 6.39
CA CYS C 13 15.43 15.08 5.08
C CYS C 13 15.07 13.84 4.30
N GLN C 14 13.92 13.87 3.63
CA GLN C 14 13.43 12.71 2.90
C GLN C 14 12.85 13.06 1.53
N VAL C 15 12.95 12.11 0.61
CA VAL C 15 12.47 12.22 -0.76
C VAL C 15 13.25 13.29 -1.51
N LEU C 16 14.23 12.84 -2.28
CA LEU C 16 15.11 13.71 -3.04
C LEU C 16 14.37 14.35 -4.20
N TYR C 17 14.36 15.68 -4.22
CA TYR C 17 13.69 16.42 -5.27
C TYR C 17 14.70 16.95 -6.28
N LYS C 18 15.74 17.61 -5.79
CA LYS C 18 16.79 18.16 -6.66
C LYS C 18 18.18 18.06 -6.02
N THR C 19 19.21 17.94 -6.85
CA THR C 19 20.58 17.93 -6.37
C THR C 19 21.35 19.16 -6.84
N GLU C 20 22.55 19.34 -6.29
CA GLU C 20 23.45 20.44 -6.65
C GLU C 20 22.74 21.81 -6.61
N LEU C 21 22.07 22.09 -5.51
CA LEU C 21 21.29 23.31 -5.38
C LEU C 21 21.72 24.12 -4.18
N SER C 22 21.58 25.43 -4.27
CA SER C 22 21.77 26.29 -3.11
C SER C 22 20.47 26.32 -2.33
N LYS C 23 20.55 26.72 -1.07
CA LYS C 23 19.36 26.82 -0.23
C LYS C 23 18.37 27.81 -0.84
N GLU C 24 18.91 28.89 -1.38
CA GLU C 24 18.09 29.96 -1.95
CA GLU C 24 18.08 29.96 -1.95
C GLU C 24 17.24 29.44 -3.11
N GLU C 25 17.86 28.65 -3.97
CA GLU C 25 17.16 28.04 -5.10
C GLU C 25 16.13 26.99 -4.63
N CYS C 26 16.55 26.14 -3.72
CA CYS C 26 15.70 25.07 -3.20
C CYS C 26 14.46 25.64 -2.49
N CYS C 27 14.63 26.75 -1.77
CA CYS C 27 13.58 27.29 -0.92
C CYS C 27 12.83 28.47 -1.56
N SER C 28 13.04 28.68 -2.85
CA SER C 28 12.50 29.85 -3.55
C SER C 28 10.97 29.88 -3.67
N THR C 29 10.32 28.73 -3.50
CA THR C 29 8.86 28.67 -3.64
C THR C 29 8.14 28.75 -2.30
N GLY C 30 6.82 28.70 -2.35
CA GLY C 30 5.98 28.84 -1.17
C GLY C 30 5.61 27.53 -0.53
N ARG C 31 6.14 26.43 -1.07
CA ARG C 31 5.83 25.10 -0.56
C ARG C 31 6.30 24.93 0.89
N LEU C 32 5.38 24.50 1.75
CA LEU C 32 5.61 24.44 3.18
C LEU C 32 6.78 23.57 3.63
N SER C 33 6.80 22.34 3.16
CA SER C 33 7.64 21.32 3.78
C SER C 33 9.01 21.14 3.14
N THR C 34 9.23 21.80 2.00
CA THR C 34 10.49 21.69 1.27
C THR C 34 11.68 21.98 2.18
N SER C 35 12.71 21.14 2.11
CA SER C 35 13.87 21.25 2.98
C SER C 35 15.17 21.05 2.21
N TRP C 36 16.28 21.45 2.83
CA TRP C 36 17.55 21.53 2.14
C TRP C 36 18.69 20.98 3.00
N THR C 37 19.63 20.30 2.37
CA THR C 37 20.86 19.88 3.03
C THR C 37 22.04 20.46 2.27
N GLU C 38 23.05 20.91 3.01
CA GLU C 38 24.16 21.65 2.43
C GLU C 38 25.15 20.78 1.68
N GLU C 39 25.45 19.60 2.22
CA GLU C 39 26.53 18.78 1.69
C GLU C 39 26.20 18.10 0.36
N ASP C 40 27.06 18.28 -0.63
CA ASP C 40 26.97 17.55 -1.89
C ASP C 40 27.72 16.23 -1.78
N VAL C 41 27.03 15.12 -1.98
CA VAL C 41 27.65 13.81 -1.84
C VAL C 41 27.26 12.91 -3.00
N ASN C 42 27.90 11.76 -3.11
CA ASN C 42 27.61 10.84 -4.20
C ASN C 42 26.36 10.01 -3.93
N ASP C 43 25.91 9.30 -4.96
CA ASP C 43 24.69 8.52 -4.91
C ASP C 43 24.64 7.52 -3.75
N ASN C 44 25.71 6.74 -3.60
CA ASN C 44 25.73 5.69 -2.58
C ASN C 44 25.69 6.25 -1.17
N THR C 45 26.20 7.46 -1.00
CA THR C 45 26.07 8.14 0.28
C THR C 45 24.64 8.59 0.53
N LEU C 46 24.03 9.25 -0.46
CA LEU C 46 22.64 9.66 -0.32
C LEU C 46 21.77 8.46 0.00
N PHE C 47 22.04 7.36 -0.68
CA PHE C 47 21.29 6.12 -0.51
C PHE C 47 21.43 5.57 0.91
N LYS C 48 22.66 5.48 1.41
CA LYS C 48 22.90 5.02 2.78
C LYS C 48 22.12 5.82 3.81
N TRP C 49 22.12 7.14 3.64
CA TRP C 49 21.44 8.02 4.58
C TRP C 49 19.94 7.81 4.50
N MET C 50 19.40 7.85 3.29
CA MET C 50 17.96 7.76 3.07
C MET C 50 17.36 6.45 3.57
N ILE C 51 18.05 5.34 3.31
CA ILE C 51 17.50 4.02 3.55
C ILE C 51 17.94 3.43 4.91
N PHE C 52 19.17 3.73 5.33
CA PHE C 52 19.74 3.05 6.51
C PHE C 52 20.03 3.96 7.71
N ASN C 53 19.86 5.27 7.55
CA ASN C 53 20.13 6.18 8.65
C ASN C 53 19.02 7.22 8.87
N GLY C 54 17.80 6.89 8.45
CA GLY C 54 16.63 7.69 8.74
C GLY C 54 16.39 8.89 7.84
N GLY C 55 17.23 9.06 6.82
CA GLY C 55 17.12 10.21 5.95
C GLY C 55 18.39 11.04 5.97
N ALA C 56 18.46 12.06 5.13
CA ALA C 56 19.65 12.90 5.06
C ALA C 56 19.78 13.76 6.31
N PRO C 57 21.00 13.79 6.88
CA PRO C 57 21.28 14.55 8.11
C PRO C 57 21.41 16.04 7.87
N ASN C 58 21.44 16.82 8.95
CA ASN C 58 21.57 18.28 8.88
C ASN C 58 20.51 18.88 7.97
N CYS C 59 19.30 18.37 8.11
CA CYS C 59 18.16 18.80 7.31
C CYS C 59 17.68 20.17 7.75
N ILE C 60 17.73 21.14 6.85
CA ILE C 60 17.29 22.51 7.15
C ILE C 60 16.01 22.85 6.39
N PRO C 61 14.92 23.05 7.13
CA PRO C 61 13.65 23.39 6.49
C PRO C 61 13.69 24.79 5.87
N CYS C 62 13.09 24.94 4.69
CA CYS C 62 13.07 26.23 4.02
C CYS C 62 12.20 27.20 4.80
N LYS C 63 11.15 26.68 5.41
CA LYS C 63 10.18 27.50 6.12
C LYS C 63 10.20 27.19 7.61
N GLU C 64 10.80 28.08 8.39
CA GLU C 64 10.86 27.92 9.84
C GLU C 64 9.65 28.61 10.47
N THR C 65 9.03 29.49 9.71
CA THR C 65 7.82 30.19 10.12
C THR C 65 6.80 30.13 9.00
N CYS C 66 5.68 30.82 9.19
CA CYS C 66 4.61 30.82 8.21
C CYS C 66 4.85 31.88 7.14
N GLU C 67 5.96 32.60 7.29
CA GLU C 67 6.33 33.64 6.34
C GLU C 67 6.65 33.03 4.98
N ASN C 68 6.06 33.63 3.93
CA ASN C 68 6.23 33.17 2.55
C ASN C 68 5.67 31.78 2.28
N VAL C 69 4.89 31.26 3.22
CA VAL C 69 4.24 29.98 3.03
C VAL C 69 2.92 30.15 2.28
N ASP C 70 2.78 29.42 1.19
CA ASP C 70 1.55 29.39 0.42
C ASP C 70 0.84 28.06 0.64
N CYS C 71 -0.16 28.06 1.52
CA CYS C 71 -0.89 26.84 1.84
C CYS C 71 -1.89 26.48 0.77
N GLY C 72 -2.24 27.44 -0.08
CA GLY C 72 -3.21 27.21 -1.12
C GLY C 72 -4.61 27.60 -0.67
N PRO C 73 -5.62 27.21 -1.46
CA PRO C 73 -7.01 27.56 -1.17
C PRO C 73 -7.62 26.69 -0.08
N GLY C 74 -8.41 27.30 0.80
CA GLY C 74 -9.06 26.60 1.89
C GLY C 74 -8.17 26.36 3.10
N LYS C 75 -6.88 26.65 2.94
CA LYS C 75 -5.94 26.47 4.03
C LYS C 75 -5.21 27.77 4.35
N LYS C 76 -4.72 27.86 5.58
CA LYS C 76 -3.91 29.00 6.01
C LYS C 76 -2.79 28.51 6.91
N CYS C 77 -1.65 29.20 6.86
CA CYS C 77 -0.52 28.79 7.65
C CYS C 77 -0.66 29.27 9.08
N ARG C 78 -0.57 28.35 10.02
CA ARG C 78 -0.62 28.68 11.44
C ARG C 78 0.55 27.98 12.11
N MET C 79 1.22 28.68 13.03
CA MET C 79 2.27 28.08 13.84
C MET C 79 1.63 27.18 14.89
N ASN C 80 2.14 25.97 15.04
CA ASN C 80 1.57 25.07 16.04
C ASN C 80 2.13 25.36 17.43
N LYS C 81 1.91 24.45 18.36
CA LYS C 81 2.31 24.68 19.74
C LYS C 81 3.82 24.50 19.87
N LYS C 82 4.39 23.68 18.99
CA LYS C 82 5.84 23.47 18.97
C LYS C 82 6.46 24.50 18.01
N ASN C 83 5.69 25.54 17.74
CA ASN C 83 6.15 26.68 16.96
C ASN C 83 6.74 26.24 15.62
N LYS C 84 6.01 25.36 14.94
CA LYS C 84 6.41 24.90 13.62
C LYS C 84 5.27 25.19 12.66
N PRO C 85 5.60 25.65 11.44
CA PRO C 85 4.54 26.03 10.50
C PRO C 85 3.74 24.83 10.01
N ARG C 86 2.42 24.95 10.05
CA ARG C 86 1.52 23.92 9.54
C ARG C 86 0.42 24.55 8.70
N CYS C 87 0.11 23.94 7.56
CA CYS C 87 -1.05 24.36 6.78
C CYS C 87 -2.30 23.68 7.32
N VAL C 88 -3.13 24.44 8.03
CA VAL C 88 -4.35 23.91 8.60
C VAL C 88 -5.53 24.31 7.76
N CYS C 89 -6.62 23.56 7.89
CA CYS C 89 -7.83 23.85 7.13
C CYS C 89 -8.58 25.03 7.73
N ALA C 90 -8.81 26.05 6.90
CA ALA C 90 -9.56 27.23 7.31
C ALA C 90 -10.44 27.71 6.16
N PRO C 91 -11.58 27.03 5.95
CA PRO C 91 -12.49 27.43 4.87
C PRO C 91 -13.30 28.66 5.23
N ASP C 92 -13.91 29.28 4.23
CA ASP C 92 -14.68 30.51 4.45
C ASP C 92 -16.12 30.18 4.80
N CYS C 93 -16.46 30.38 6.07
CA CYS C 93 -17.78 30.06 6.59
C CYS C 93 -18.63 31.32 6.82
N SER C 94 -18.11 32.47 6.40
CA SER C 94 -18.77 33.75 6.70
C SER C 94 -20.09 33.99 5.98
N ASN C 95 -20.21 33.59 4.72
CA ASN C 95 -21.42 33.88 3.96
C ASN C 95 -22.29 32.65 3.83
N ILE C 96 -22.37 31.87 4.90
CA ILE C 96 -23.26 30.71 4.94
C ILE C 96 -24.45 31.01 5.85
N THR C 97 -25.64 30.95 5.27
CA THR C 97 -26.84 31.36 5.98
C THR C 97 -27.41 30.22 6.81
N TRP C 98 -27.33 29.00 6.30
CA TRP C 98 -27.77 27.84 7.07
C TRP C 98 -26.80 27.57 8.21
N LYS C 99 -27.32 27.63 9.43
CA LYS C 99 -26.50 27.42 10.62
C LYS C 99 -26.91 26.18 11.41
N GLY C 100 -27.77 25.37 10.82
CA GLY C 100 -28.16 24.12 11.46
C GLY C 100 -27.24 23.00 10.98
N PRO C 101 -27.52 21.77 11.42
CA PRO C 101 -26.72 20.62 10.98
C PRO C 101 -26.98 20.32 9.51
N VAL C 102 -26.05 19.59 8.88
CA VAL C 102 -26.21 19.23 7.49
C VAL C 102 -25.95 17.74 7.30
N CYS C 103 -26.57 17.15 6.29
CA CYS C 103 -26.33 15.75 5.95
C CYS C 103 -25.34 15.69 4.80
N GLY C 104 -24.20 15.05 5.04
CA GLY C 104 -23.16 14.95 4.03
C GLY C 104 -23.39 13.81 3.05
N LEU C 105 -22.70 13.88 1.91
CA LEU C 105 -22.76 12.84 0.88
C LEU C 105 -22.31 11.49 1.43
N ASP C 106 -21.51 11.53 2.48
CA ASP C 106 -21.02 10.32 3.11
C ASP C 106 -22.08 9.71 4.04
N GLY C 107 -23.26 10.33 4.06
CA GLY C 107 -24.37 9.84 4.87
C GLY C 107 -24.17 10.09 6.34
N LYS C 108 -23.24 10.97 6.67
CA LYS C 108 -22.98 11.35 8.06
C LYS C 108 -23.46 12.77 8.35
N THR C 109 -24.06 12.96 9.52
CA THR C 109 -24.53 14.26 9.94
C THR C 109 -23.41 15.11 10.53
N TYR C 110 -23.28 16.34 10.06
CA TYR C 110 -22.28 17.26 10.58
C TYR C 110 -22.95 18.37 11.36
N ARG C 111 -22.23 18.88 12.35
CA ARG C 111 -22.80 19.83 13.31
C ARG C 111 -23.31 21.08 12.61
N ASN C 112 -22.58 21.47 11.56
CA ASN C 112 -23.00 22.56 10.69
C ASN C 112 -22.24 22.49 9.39
N GLU C 113 -22.55 23.41 8.49
CA GLU C 113 -21.88 23.49 7.19
C GLU C 113 -20.37 23.64 7.36
N CYS C 114 -19.97 24.58 8.20
CA CYS C 114 -18.55 24.85 8.44
C CYS C 114 -17.80 23.59 8.87
N ALA C 115 -18.44 22.78 9.72
CA ALA C 115 -17.84 21.54 10.18
C ALA C 115 -17.63 20.59 9.00
N LEU C 116 -18.61 20.56 8.10
CA LEU C 116 -18.52 19.71 6.92
C LEU C 116 -17.39 20.19 6.00
N LEU C 117 -17.28 21.50 5.82
CA LEU C 117 -16.22 22.08 5.01
C LEU C 117 -14.83 21.80 5.59
N LYS C 118 -14.75 21.67 6.91
CA LYS C 118 -13.48 21.37 7.55
C LYS C 118 -13.17 19.90 7.46
N ALA C 119 -14.20 19.06 7.49
CA ALA C 119 -14.04 17.63 7.27
C ALA C 119 -13.70 17.36 5.81
N ARG C 120 -14.25 18.21 4.94
CA ARG C 120 -13.94 18.15 3.52
C ARG C 120 -12.46 18.39 3.28
N CYS C 121 -11.91 19.38 3.97
CA CYS C 121 -10.54 19.80 3.79
C CYS C 121 -9.55 18.83 4.43
N LYS C 122 -9.86 18.35 5.63
CA LYS C 122 -8.95 17.46 6.34
C LYS C 122 -8.93 16.03 5.78
N GLU C 123 -10.09 15.45 5.46
CA GLU C 123 -10.12 14.01 5.13
C GLU C 123 -10.92 13.59 3.89
N GLN C 124 -12.01 14.28 3.57
CA GLN C 124 -12.80 13.91 2.37
C GLN C 124 -12.99 15.07 1.40
N PRO C 125 -12.06 15.22 0.44
CA PRO C 125 -12.12 16.29 -0.56
C PRO C 125 -13.39 16.31 -1.41
N GLU C 126 -14.13 15.20 -1.47
CA GLU C 126 -15.36 15.14 -2.28
C GLU C 126 -16.61 15.38 -1.44
N LEU C 127 -16.43 15.52 -0.14
CA LEU C 127 -17.54 15.69 0.79
C LEU C 127 -18.34 16.96 0.52
N GLU C 128 -19.64 16.78 0.33
CA GLU C 128 -20.55 17.91 0.14
C GLU C 128 -21.83 17.67 0.91
N VAL C 129 -22.64 18.71 1.05
CA VAL C 129 -23.95 18.59 1.64
C VAL C 129 -24.96 18.13 0.59
N GLN C 130 -25.71 17.07 0.92
CA GLN C 130 -26.74 16.61 0.02
C GLN C 130 -28.10 17.16 0.45
N TYR C 131 -28.28 17.39 1.75
CA TYR C 131 -29.44 18.14 2.24
C TYR C 131 -29.26 18.68 3.65
N GLN C 132 -30.04 19.70 3.97
CA GLN C 132 -30.00 20.34 5.28
C GLN C 132 -30.69 19.49 6.35
N GLY C 133 -30.28 19.68 7.61
CA GLY C 133 -30.78 18.88 8.70
C GLY C 133 -29.96 17.61 8.91
N ARG C 134 -30.39 16.76 9.83
CA ARG C 134 -29.69 15.52 10.08
C ARG C 134 -29.96 14.53 8.96
N CYS C 135 -29.01 13.65 8.70
CA CYS C 135 -29.24 12.55 7.78
C CYS C 135 -30.37 11.71 8.34
N LYS C 136 -31.24 11.20 7.48
CA LYS C 136 -32.42 10.49 7.95
C LYS C 136 -32.50 9.07 7.42
N LYS C 137 -33.37 8.28 8.05
CA LYS C 137 -33.73 6.95 7.56
C LYS C 137 -35.11 7.02 6.93
N THR C 138 -35.27 6.36 5.78
CA THR C 138 -36.45 6.46 4.92
C THR C 138 -36.53 7.85 4.30
N CYS C 139 -37.28 7.98 3.21
CA CYS C 139 -37.41 9.28 2.55
C CYS C 139 -38.59 10.09 3.08
N ARG C 140 -39.23 9.63 4.16
CA ARG C 140 -40.35 10.37 4.72
C ARG C 140 -39.90 11.72 5.27
N ASP C 141 -40.58 12.77 4.80
CA ASP C 141 -40.28 14.15 5.17
C ASP C 141 -38.83 14.53 4.92
N VAL C 142 -38.23 13.91 3.91
CA VAL C 142 -36.95 14.37 3.38
C VAL C 142 -37.23 15.21 2.14
N PHE C 143 -37.15 16.51 2.30
CA PHE C 143 -37.35 17.42 1.19
C PHE C 143 -36.00 17.78 0.59
N CYS C 144 -35.69 17.17 -0.56
CA CYS C 144 -34.41 17.35 -1.21
C CYS C 144 -34.33 18.73 -1.85
N PRO C 145 -33.15 19.37 -1.82
CA PRO C 145 -32.99 20.72 -2.35
C PRO C 145 -33.12 20.77 -3.87
N GLY C 146 -33.67 21.86 -4.38
CA GLY C 146 -33.78 22.07 -5.82
C GLY C 146 -34.59 21.00 -6.51
N SER C 147 -34.09 20.54 -7.65
CA SER C 147 -34.76 19.52 -8.44
C SER C 147 -34.35 18.11 -8.02
N SER C 148 -33.50 18.00 -7.01
CA SER C 148 -33.02 16.70 -6.56
C SER C 148 -34.14 15.95 -5.85
N THR C 149 -34.08 14.62 -5.88
CA THR C 149 -35.14 13.82 -5.29
C THR C 149 -34.57 12.74 -4.36
N CYS C 150 -35.43 12.16 -3.52
CA CYS C 150 -34.98 11.26 -2.47
C CYS C 150 -34.97 9.79 -2.86
N VAL C 151 -33.93 9.08 -2.45
CA VAL C 151 -33.84 7.63 -2.60
C VAL C 151 -33.21 7.03 -1.34
N VAL C 152 -33.44 5.74 -1.14
CA VAL C 152 -32.78 5.04 -0.04
C VAL C 152 -31.86 3.94 -0.56
N ASP C 153 -30.80 3.65 0.19
CA ASP C 153 -29.87 2.60 -0.18
C ASP C 153 -30.27 1.28 0.49
N GLN C 154 -29.31 0.36 0.59
CA GLN C 154 -29.60 -0.98 1.08
C GLN C 154 -29.89 -1.04 2.58
N THR C 155 -29.45 -0.04 3.33
CA THR C 155 -29.77 0.03 4.75
C THR C 155 -30.74 1.18 5.07
N ASN C 156 -31.55 1.54 4.09
CA ASN C 156 -32.63 2.53 4.27
C ASN C 156 -32.18 3.95 4.60
N ASN C 157 -30.92 4.28 4.34
CA ASN C 157 -30.43 5.65 4.48
C ASN C 157 -30.95 6.52 3.35
N ALA C 158 -31.40 7.74 3.68
CA ALA C 158 -31.98 8.61 2.67
C ALA C 158 -30.91 9.47 1.99
N TYR C 159 -31.01 9.57 0.67
CA TYR C 159 -30.12 10.40 -0.12
C TYR C 159 -30.91 11.32 -1.03
N CYS C 160 -30.40 12.53 -1.23
CA CYS C 160 -30.97 13.44 -2.21
C CYS C 160 -30.11 13.42 -3.46
N VAL C 161 -30.65 12.86 -4.53
CA VAL C 161 -29.88 12.68 -5.75
C VAL C 161 -30.58 13.26 -6.96
N THR C 162 -29.78 13.48 -8.00
CA THR C 162 -30.30 13.89 -9.28
C THR C 162 -30.41 12.66 -10.16
N CYS C 163 -31.63 12.21 -10.37
CA CYS C 163 -31.89 11.07 -11.24
C CYS C 163 -31.53 11.45 -12.66
N ASN C 164 -31.20 10.47 -13.49
CA ASN C 164 -31.00 10.73 -14.90
C ASN C 164 -32.38 10.80 -15.56
N ARG C 165 -32.66 11.86 -16.34
CA ARG C 165 -34.02 12.07 -16.87
C ARG C 165 -34.05 11.89 -18.37
N ILE C 166 -32.96 12.26 -19.01
CA ILE C 166 -32.86 12.08 -20.44
C ILE C 166 -32.08 10.82 -20.78
N CYS C 167 -32.83 9.72 -20.88
CA CYS C 167 -32.26 8.48 -21.36
C CYS C 167 -32.21 8.56 -22.88
N PRO C 168 -31.10 8.07 -23.45
CA PRO C 168 -30.98 7.90 -24.90
C PRO C 168 -31.81 6.72 -25.39
N GLU C 169 -32.59 6.94 -26.44
CA GLU C 169 -33.48 5.91 -26.93
C GLU C 169 -32.67 4.76 -27.48
N PRO C 170 -33.14 3.53 -27.25
CA PRO C 170 -32.37 2.36 -27.67
C PRO C 170 -32.70 1.98 -29.11
N ALA C 171 -31.69 1.62 -29.89
CA ALA C 171 -31.92 1.14 -31.24
C ALA C 171 -32.71 -0.16 -31.16
N SER C 172 -32.41 -0.95 -30.15
CA SER C 172 -33.16 -2.17 -29.82
C SER C 172 -33.21 -3.16 -30.98
N GLN C 175 -31.52 -4.00 -24.98
CA GLN C 175 -32.39 -5.01 -24.37
C GLN C 175 -33.47 -4.44 -23.48
N TYR C 176 -34.71 -4.81 -23.82
CA TYR C 176 -35.85 -4.55 -22.98
C TYR C 176 -35.58 -5.27 -21.66
N LEU C 177 -36.02 -4.70 -20.55
CA LEU C 177 -35.84 -5.36 -19.27
C LEU C 177 -37.19 -5.54 -18.59
N CYS C 178 -37.32 -6.64 -17.86
CA CYS C 178 -38.49 -6.88 -17.03
C CYS C 178 -38.13 -6.67 -15.56
N GLY C 179 -38.68 -5.62 -14.98
CA GLY C 179 -38.46 -5.36 -13.57
C GLY C 179 -39.21 -6.35 -12.71
N ASN C 180 -38.87 -6.38 -11.42
CA ASN C 180 -39.57 -7.23 -10.48
C ASN C 180 -40.98 -6.73 -10.25
N ASP C 181 -41.25 -5.52 -10.71
CA ASP C 181 -42.56 -4.91 -10.62
C ASP C 181 -43.48 -5.38 -11.75
N GLY C 182 -42.98 -6.27 -12.60
CA GLY C 182 -43.76 -6.79 -13.71
C GLY C 182 -43.92 -5.79 -14.83
N VAL C 183 -43.04 -4.77 -14.83
CA VAL C 183 -43.08 -3.72 -15.84
C VAL C 183 -41.94 -3.90 -16.84
N THR C 184 -42.25 -3.73 -18.12
CA THR C 184 -41.24 -3.82 -19.18
C THR C 184 -40.60 -2.47 -19.42
N TYR C 185 -39.28 -2.44 -19.46
CA TYR C 185 -38.53 -1.20 -19.65
C TYR C 185 -37.71 -1.27 -20.93
N SER C 186 -37.65 -0.16 -21.65
CA SER C 186 -36.97 -0.14 -22.94
C SER C 186 -35.46 -0.34 -22.79
N SER C 187 -34.89 0.14 -21.68
CA SER C 187 -33.45 -0.02 -21.43
C SER C 187 -33.13 0.01 -19.95
N ALA C 188 -31.90 -0.36 -19.61
CA ALA C 188 -31.43 -0.31 -18.23
C ALA C 188 -31.52 1.10 -17.71
N CYS C 189 -31.25 2.06 -18.58
CA CYS C 189 -31.37 3.48 -18.25
C CYS C 189 -32.76 3.82 -17.77
N HIS C 190 -33.78 3.32 -18.47
CA HIS C 190 -35.17 3.58 -18.12
C HIS C 190 -35.59 2.90 -16.82
N LEU C 191 -35.12 1.67 -16.63
CA LEU C 191 -35.37 0.94 -15.39
C LEU C 191 -34.79 1.72 -14.22
N ARG C 192 -33.59 2.25 -14.42
CA ARG C 192 -32.89 3.02 -13.39
C ARG C 192 -33.63 4.29 -13.04
N LYS C 193 -34.24 4.91 -14.03
CA LYS C 193 -34.86 6.21 -13.81
C LYS C 193 -36.22 6.04 -13.16
N ALA C 194 -36.89 4.94 -13.47
CA ALA C 194 -38.11 4.57 -12.76
C ALA C 194 -37.78 4.27 -11.30
N THR C 195 -36.66 3.57 -11.10
CA THR C 195 -36.18 3.23 -9.77
C THR C 195 -35.87 4.49 -8.95
N CYS C 196 -35.16 5.41 -9.59
CA CYS C 196 -34.72 6.63 -8.94
C CYS C 196 -35.92 7.48 -8.52
N LEU C 197 -36.92 7.56 -9.40
CA LEU C 197 -38.12 8.34 -9.13
C LEU C 197 -39.03 7.67 -8.11
N LEU C 198 -39.06 6.33 -8.13
CA LEU C 198 -39.81 5.58 -7.14
C LEU C 198 -39.22 5.80 -5.75
N GLY C 199 -37.89 5.92 -5.69
CA GLY C 199 -37.21 6.21 -4.45
C GLY C 199 -36.59 5.00 -3.78
N ARG C 200 -36.71 3.85 -4.43
CA ARG C 200 -36.17 2.60 -3.89
C ARG C 200 -35.98 1.55 -4.96
N SER C 201 -35.14 0.56 -4.68
CA SER C 201 -34.82 -0.50 -5.63
C SER C 201 -36.04 -1.23 -6.16
N ILE C 202 -36.11 -1.39 -7.47
CA ILE C 202 -37.13 -2.23 -8.10
C ILE C 202 -36.56 -3.61 -8.34
N GLY C 203 -35.39 -3.64 -9.00
CA GLY C 203 -34.70 -4.90 -9.23
C GLY C 203 -35.03 -5.49 -10.58
N LEU C 204 -34.04 -6.16 -11.17
CA LEU C 204 -34.22 -6.82 -12.46
C LEU C 204 -34.74 -8.25 -12.27
N ALA C 205 -35.92 -8.54 -12.82
CA ALA C 205 -36.44 -9.91 -12.78
C ALA C 205 -35.72 -10.76 -13.81
N TYR C 206 -35.68 -10.25 -15.04
CA TYR C 206 -34.98 -10.91 -16.13
C TYR C 206 -34.93 -9.99 -17.33
N GLU C 207 -33.86 -10.13 -18.10
CA GLU C 207 -33.66 -9.49 -19.39
C GLU C 207 -34.76 -9.86 -20.34
N GLY C 208 -35.22 -8.88 -21.12
CA GLY C 208 -36.19 -9.15 -22.15
C GLY C 208 -37.52 -8.58 -21.73
N LYS C 209 -38.54 -8.82 -22.54
CA LYS C 209 -39.86 -8.34 -22.20
C LYS C 209 -40.41 -9.15 -21.05
N CYS C 210 -41.22 -8.51 -20.21
CA CYS C 210 -41.98 -9.23 -19.21
C CYS C 210 -42.96 -10.14 -19.93
N ILE C 211 -43.11 -11.36 -19.44
CA ILE C 211 -44.10 -12.27 -19.96
C ILE C 211 -45.04 -12.67 -18.83
N LYS C 212 -46.29 -12.98 -19.18
CA LYS C 212 -47.26 -13.42 -18.19
C LYS C 212 -47.00 -14.88 -17.89
N ALA C 213 -45.94 -15.14 -17.11
CA ALA C 213 -45.56 -16.48 -16.76
C ALA C 213 -46.47 -17.04 -15.67
N LYS C 214 -46.70 -18.35 -15.72
CA LYS C 214 -47.51 -19.00 -14.71
C LYS C 214 -46.62 -19.88 -13.82
N SER C 215 -45.39 -20.10 -14.27
CA SER C 215 -44.36 -20.72 -13.45
C SER C 215 -42.99 -20.39 -14.04
N CYS C 216 -41.93 -20.92 -13.43
CA CYS C 216 -40.57 -20.69 -13.93
C CYS C 216 -40.31 -21.39 -15.25
N GLU C 217 -41.21 -22.29 -15.66
CA GLU C 217 -41.05 -22.99 -16.92
C GLU C 217 -41.24 -22.05 -18.09
N ASP C 218 -42.00 -20.98 -17.86
CA ASP C 218 -42.25 -19.99 -18.90
C ASP C 218 -41.07 -19.04 -19.03
N ILE C 219 -40.22 -19.01 -18.00
CA ILE C 219 -39.11 -18.06 -17.97
C ILE C 219 -37.79 -18.72 -18.32
N GLN C 220 -37.15 -18.20 -19.36
CA GLN C 220 -35.81 -18.62 -19.72
C GLN C 220 -34.79 -17.71 -19.07
N CYS C 221 -33.98 -18.27 -18.17
CA CYS C 221 -32.94 -17.50 -17.52
C CYS C 221 -31.65 -17.58 -18.29
N THR C 222 -31.05 -16.42 -18.52
CA THR C 222 -29.78 -16.30 -19.22
C THR C 222 -28.60 -15.99 -18.32
N GLY C 223 -27.45 -16.53 -18.68
CA GLY C 223 -26.21 -16.09 -18.07
C GLY C 223 -25.97 -16.76 -16.74
N GLY C 224 -26.23 -18.05 -16.71
CA GLY C 224 -25.93 -18.85 -15.54
C GLY C 224 -26.94 -18.65 -14.43
N LYS C 225 -28.04 -17.96 -14.73
CA LYS C 225 -29.04 -17.68 -13.71
C LYS C 225 -30.11 -18.76 -13.63
N LYS C 226 -30.76 -18.84 -12.48
CA LYS C 226 -31.84 -19.79 -12.27
C LYS C 226 -33.13 -19.04 -11.94
N CYS C 227 -34.27 -19.60 -12.32
CA CYS C 227 -35.53 -18.97 -12.00
C CYS C 227 -35.95 -19.26 -10.56
N LEU C 228 -36.33 -18.20 -9.86
CA LEU C 228 -36.89 -18.35 -8.53
C LEU C 228 -38.30 -17.77 -8.58
N TRP C 229 -39.27 -18.50 -8.05
CA TRP C 229 -40.65 -18.04 -8.16
C TRP C 229 -41.09 -17.31 -6.90
N ASP C 230 -41.70 -16.15 -7.09
CA ASP C 230 -42.21 -15.35 -5.99
C ASP C 230 -43.72 -15.58 -5.86
N PHE C 231 -44.11 -16.38 -4.88
CA PHE C 231 -45.50 -16.76 -4.71
C PHE C 231 -46.35 -15.61 -4.14
N LYS C 232 -45.70 -14.58 -3.63
CA LYS C 232 -46.43 -13.46 -3.05
C LYS C 232 -47.03 -12.57 -4.12
N VAL C 233 -46.38 -12.50 -5.28
CA VAL C 233 -46.87 -11.66 -6.38
C VAL C 233 -47.14 -12.46 -7.65
N GLY C 234 -46.81 -13.75 -7.60
CA GLY C 234 -47.07 -14.62 -8.74
C GLY C 234 -46.18 -14.29 -9.93
N ARG C 235 -44.94 -13.90 -9.65
CA ARG C 235 -43.99 -13.59 -10.70
C ARG C 235 -42.63 -14.24 -10.46
N GLY C 236 -41.89 -14.46 -11.53
CA GLY C 236 -40.61 -15.13 -11.44
C GLY C 236 -39.43 -14.18 -11.54
N ARG C 237 -38.26 -14.69 -11.17
CA ARG C 237 -37.05 -13.90 -11.19
C ARG C 237 -35.87 -14.78 -11.55
N CYS C 238 -34.93 -14.23 -12.31
CA CYS C 238 -33.69 -14.93 -12.61
C CYS C 238 -32.58 -14.43 -11.70
N SER C 239 -32.09 -15.32 -10.84
CA SER C 239 -31.06 -14.96 -9.87
C SER C 239 -29.79 -15.75 -10.13
N LEU C 240 -28.65 -15.15 -9.83
CA LEU C 240 -27.37 -15.77 -10.12
C LEU C 240 -27.18 -17.09 -9.40
N CYS C 241 -27.45 -17.12 -8.10
CA CYS C 241 -27.30 -18.34 -7.29
C CYS C 241 -25.90 -18.91 -7.43
N ASP C 242 -24.92 -18.01 -7.65
CA ASP C 242 -23.55 -18.42 -7.89
C ASP C 242 -22.64 -18.11 -6.71
N GLU C 243 -23.03 -17.10 -5.93
CA GLU C 243 -22.20 -16.59 -4.87
C GLU C 243 -22.00 -17.64 -3.78
N LEU C 244 -20.83 -17.65 -3.16
CA LEU C 244 -20.60 -18.58 -2.07
C LEU C 244 -20.90 -17.88 -0.75
N CYS C 245 -21.38 -18.63 0.23
CA CYS C 245 -21.64 -18.09 1.56
C CYS C 245 -20.72 -18.70 2.62
N PRO C 246 -20.01 -17.84 3.37
CA PRO C 246 -19.13 -18.26 4.46
C PRO C 246 -19.86 -18.96 5.60
N ASP C 251 -22.50 -15.62 12.58
CA ASP C 251 -23.47 -15.45 11.50
C ASP C 251 -24.87 -15.14 12.02
N GLU C 252 -25.68 -14.65 11.10
CA GLU C 252 -27.06 -14.23 11.27
C GLU C 252 -28.16 -15.34 11.35
N PRO C 253 -28.85 -15.47 12.49
CA PRO C 253 -29.92 -16.43 12.22
C PRO C 253 -31.15 -15.63 11.70
N VAL C 254 -31.93 -16.20 10.79
CA VAL C 254 -33.02 -15.44 10.16
C VAL C 254 -34.34 -16.20 10.01
N CYS C 255 -35.41 -15.42 9.88
CA CYS C 255 -36.74 -15.93 9.57
C CYS C 255 -37.13 -15.51 8.15
N ALA C 256 -37.40 -16.50 7.30
CA ALA C 256 -37.63 -16.22 5.88
C ALA C 256 -39.10 -16.03 5.56
N SER C 257 -39.38 -15.59 4.34
CA SER C 257 -40.76 -15.31 3.91
C SER C 257 -41.58 -16.59 3.78
N ASP C 258 -40.94 -17.74 3.89
CA ASP C 258 -41.67 -19.00 3.95
C ASP C 258 -41.99 -19.35 5.39
N ASN C 259 -41.69 -18.41 6.29
CA ASN C 259 -41.90 -18.59 7.73
C ASN C 259 -41.13 -19.78 8.28
N ALA C 260 -39.92 -19.98 7.76
CA ALA C 260 -39.04 -21.03 8.24
C ALA C 260 -37.78 -20.40 8.79
N THR C 261 -37.09 -21.12 9.67
CA THR C 261 -35.88 -20.61 10.29
C THR C 261 -34.67 -21.11 9.52
N TYR C 262 -33.77 -20.21 9.18
CA TYR C 262 -32.55 -20.63 8.52
C TYR C 262 -31.32 -20.22 9.29
N ALA C 263 -30.24 -20.96 9.03
CA ALA C 263 -28.98 -20.73 9.68
C ALA C 263 -28.50 -19.30 9.34
N SER C 264 -28.79 -18.87 8.11
CA SER C 264 -28.44 -17.53 7.64
C SER C 264 -29.16 -17.09 6.32
N GLU C 265 -29.15 -15.78 6.05
CA GLU C 265 -29.69 -15.20 4.80
C GLU C 265 -28.96 -15.89 3.67
N CYS C 266 -27.71 -16.24 3.96
CA CYS C 266 -26.88 -17.00 3.05
C CYS C 266 -27.41 -18.42 2.92
N ALA C 267 -27.71 -19.01 4.07
CA ALA C 267 -28.33 -20.32 4.10
C ALA C 267 -29.73 -20.27 3.49
N MET C 268 -30.42 -19.15 3.68
CA MET C 268 -31.76 -18.97 3.13
C MET C 268 -31.73 -18.87 1.60
N LYS C 269 -30.81 -18.06 1.07
CA LYS C 269 -30.65 -17.89 -0.37
C LYS C 269 -30.34 -19.22 -1.07
N GLU C 270 -29.47 -20.01 -0.45
CA GLU C 270 -29.09 -21.30 -1.00
C GLU C 270 -30.30 -22.24 -1.03
N ALA C 271 -31.10 -22.19 0.03
CA ALA C 271 -32.32 -23.00 0.07
C ALA C 271 -33.32 -22.52 -0.99
N ALA C 272 -33.34 -21.22 -1.23
CA ALA C 272 -34.19 -20.63 -2.25
C ALA C 272 -33.75 -21.10 -3.63
N CYS C 273 -32.45 -20.99 -3.91
CA CYS C 273 -31.88 -21.38 -5.19
C CYS C 273 -32.09 -22.88 -5.42
N SER C 274 -31.98 -23.66 -4.36
CA SER C 274 -32.18 -25.10 -4.43
C SER C 274 -33.63 -25.45 -4.79
N SER C 275 -34.58 -24.83 -4.10
CA SER C 275 -35.99 -25.16 -4.26
C SER C 275 -36.65 -24.46 -5.44
N GLY C 276 -36.00 -23.42 -5.96
CA GLY C 276 -36.57 -22.64 -7.04
C GLY C 276 -37.65 -21.70 -6.53
N VAL C 277 -37.66 -21.46 -5.22
CA VAL C 277 -38.63 -20.56 -4.60
C VAL C 277 -37.97 -19.31 -4.01
N LEU C 278 -38.40 -18.14 -4.45
CA LEU C 278 -37.84 -16.89 -3.94
C LEU C 278 -38.11 -16.73 -2.44
N LEU C 279 -37.05 -16.50 -1.69
CA LEU C 279 -37.15 -16.28 -0.26
C LEU C 279 -36.51 -14.96 0.13
N GLU C 280 -37.17 -14.21 1.00
CA GLU C 280 -36.61 -12.95 1.48
C GLU C 280 -36.67 -12.90 3.00
N VAL C 281 -35.77 -12.13 3.59
CA VAL C 281 -35.70 -12.01 5.04
C VAL C 281 -36.95 -11.34 5.57
N LYS C 282 -37.65 -12.03 6.46
CA LYS C 282 -38.84 -11.46 7.10
C LYS C 282 -38.42 -10.69 8.35
N HIS C 283 -37.72 -11.36 9.26
CA HIS C 283 -37.04 -10.70 10.37
C HIS C 283 -35.86 -11.56 10.80
N SER C 284 -34.93 -10.96 11.55
CA SER C 284 -33.80 -11.71 12.10
C SER C 284 -34.28 -12.57 13.25
N GLY C 285 -33.58 -13.68 13.50
CA GLY C 285 -33.94 -14.57 14.60
C GLY C 285 -34.84 -15.71 14.18
N SER C 286 -35.03 -16.68 15.07
CA SER C 286 -35.86 -17.85 14.76
C SER C 286 -37.35 -17.54 14.66
N CYS C 287 -38.04 -18.32 13.84
CA CYS C 287 -39.50 -18.26 13.64
C CYS C 287 -40.34 -18.90 14.75
N ASN C 288 -39.86 -20.02 15.30
CA ASN C 288 -40.57 -20.96 16.20
C ASN C 288 -42.09 -21.01 16.07
N GLY D 1 -14.54 -15.87 -24.12
CA GLY D 1 -14.50 -15.88 -22.67
C GLY D 1 -13.38 -15.00 -22.12
N ASN D 2 -13.28 -14.95 -20.80
CA ASN D 2 -12.29 -14.13 -20.13
C ASN D 2 -11.44 -14.95 -19.16
N CYS D 3 -10.16 -14.62 -19.08
CA CYS D 3 -9.22 -15.37 -18.24
C CYS D 3 -8.79 -14.51 -17.04
N TRP D 4 -8.86 -15.09 -15.85
CA TRP D 4 -8.65 -14.35 -14.61
C TRP D 4 -7.56 -14.99 -13.76
N LEU D 5 -6.86 -14.17 -12.98
CA LEU D 5 -5.76 -14.68 -12.15
C LEU D 5 -6.22 -15.52 -10.97
N ARG D 6 -7.43 -15.27 -10.47
CA ARG D 6 -7.90 -16.02 -9.31
C ARG D 6 -9.41 -16.03 -9.13
N GLN D 7 -9.89 -17.00 -8.36
CA GLN D 7 -11.25 -16.96 -7.85
C GLN D 7 -11.21 -16.49 -6.39
N ALA D 8 -11.95 -15.45 -6.08
CA ALA D 8 -11.96 -14.89 -4.72
C ALA D 8 -12.75 -15.78 -3.76
N LYS D 9 -12.81 -15.42 -2.48
CA LYS D 9 -13.55 -16.24 -1.52
C LYS D 9 -15.05 -16.07 -1.66
N ASN D 10 -15.47 -15.02 -2.37
CA ASN D 10 -16.89 -14.85 -2.69
C ASN D 10 -17.31 -15.67 -3.89
N GLY D 11 -16.35 -16.39 -4.47
CA GLY D 11 -16.60 -17.27 -5.59
C GLY D 11 -16.47 -16.62 -6.95
N ARG D 12 -16.20 -15.31 -6.97
CA ARG D 12 -16.12 -14.59 -8.24
C ARG D 12 -14.70 -14.43 -8.78
N CYS D 13 -14.61 -14.21 -10.09
CA CYS D 13 -13.33 -14.09 -10.76
C CYS D 13 -12.77 -12.69 -10.58
N GLN D 14 -11.47 -12.60 -10.34
CA GLN D 14 -10.82 -11.32 -10.10
C GLN D 14 -9.50 -11.19 -10.83
N VAL D 15 -9.18 -9.95 -11.18
CA VAL D 15 -7.96 -9.56 -11.91
C VAL D 15 -7.99 -10.11 -13.32
N LEU D 16 -8.35 -9.25 -14.27
CA LEU D 16 -8.46 -9.63 -15.66
C LEU D 16 -7.08 -9.86 -16.28
N TYR D 17 -6.87 -11.07 -16.78
CA TYR D 17 -5.60 -11.43 -17.37
C TYR D 17 -5.68 -11.39 -18.91
N LYS D 18 -6.67 -12.07 -19.48
CA LYS D 18 -6.89 -12.06 -20.93
C LYS D 18 -8.37 -12.11 -21.32
N THR D 19 -8.68 -11.52 -22.49
CA THR D 19 -10.04 -11.56 -23.04
C THR D 19 -10.06 -12.39 -24.31
N GLU D 20 -11.27 -12.65 -24.81
CA GLU D 20 -11.49 -13.38 -26.06
C GLU D 20 -10.72 -14.70 -26.12
N LEU D 21 -10.88 -15.48 -25.05
CA LEU D 21 -10.17 -16.75 -24.90
C LEU D 21 -11.16 -17.87 -24.61
N SER D 22 -10.83 -19.08 -25.06
CA SER D 22 -11.60 -20.27 -24.70
C SER D 22 -11.10 -20.80 -23.36
N LYS D 23 -11.91 -21.64 -22.72
CA LYS D 23 -11.51 -22.21 -21.44
C LYS D 23 -10.21 -23.01 -21.57
N GLU D 24 -10.06 -23.71 -22.68
CA GLU D 24 -8.90 -24.55 -22.91
C GLU D 24 -7.62 -23.74 -23.03
N GLU D 25 -7.69 -22.61 -23.72
CA GLU D 25 -6.54 -21.72 -23.82
C GLU D 25 -6.21 -21.11 -22.46
N CYS D 26 -7.23 -20.64 -21.77
CA CYS D 26 -7.06 -20.01 -20.46
C CYS D 26 -6.47 -20.97 -19.43
N CYS D 27 -6.89 -22.23 -19.47
CA CYS D 27 -6.52 -23.18 -18.44
C CYS D 27 -5.38 -24.12 -18.86
N SER D 28 -4.77 -23.82 -20.00
CA SER D 28 -3.76 -24.70 -20.59
C SER D 28 -2.47 -24.84 -19.79
N THR D 29 -2.19 -23.89 -18.90
CA THR D 29 -0.96 -23.93 -18.12
C THR D 29 -1.15 -24.61 -16.77
N GLY D 30 -0.08 -24.69 -16.00
CA GLY D 30 -0.11 -25.40 -14.74
C GLY D 30 -0.44 -24.51 -13.54
N ARG D 31 -0.70 -23.24 -13.80
CA ARG D 31 -0.96 -22.27 -12.73
C ARG D 31 -2.23 -22.64 -11.96
N LEU D 32 -2.09 -22.73 -10.64
CA LEU D 32 -3.16 -23.20 -9.76
C LEU D 32 -4.46 -22.42 -9.82
N SER D 33 -4.37 -21.10 -9.69
CA SER D 33 -5.55 -20.29 -9.37
C SER D 33 -6.28 -19.70 -10.58
N THR D 34 -5.69 -19.83 -11.76
CA THR D 34 -6.26 -19.30 -12.99
C THR D 34 -7.71 -19.74 -13.14
N SER D 35 -8.57 -18.81 -13.50
CA SER D 35 -10.00 -19.09 -13.60
C SER D 35 -10.60 -18.44 -14.84
N TRP D 36 -11.79 -18.88 -15.23
CA TRP D 36 -12.34 -18.50 -16.52
C TRP D 36 -13.83 -18.18 -16.43
N THR D 37 -14.27 -17.19 -17.20
CA THR D 37 -15.70 -16.91 -17.36
C THR D 37 -16.03 -16.97 -18.84
N GLU D 38 -17.19 -17.54 -19.18
CA GLU D 38 -17.54 -17.81 -20.57
C GLU D 38 -18.01 -16.59 -21.36
N GLU D 39 -18.81 -15.74 -20.71
CA GLU D 39 -19.50 -14.68 -21.41
C GLU D 39 -18.56 -13.57 -21.85
N ASP D 40 -18.61 -13.24 -23.14
CA ASP D 40 -17.89 -12.10 -23.67
C ASP D 40 -18.74 -10.85 -23.51
N VAL D 41 -18.20 -9.86 -22.80
CA VAL D 41 -18.95 -8.66 -22.49
C VAL D 41 -18.10 -7.43 -22.77
N ASN D 42 -18.73 -6.26 -22.68
CA ASN D 42 -17.99 -5.04 -22.91
C ASN D 42 -17.21 -4.63 -21.67
N ASP D 43 -16.34 -3.65 -21.85
CA ASP D 43 -15.43 -3.15 -20.83
C ASP D 43 -16.16 -2.69 -19.59
N ASN D 44 -17.20 -1.90 -19.82
CA ASN D 44 -17.98 -1.32 -18.75
C ASN D 44 -18.75 -2.37 -17.96
N THR D 45 -19.08 -3.48 -18.60
CA THR D 45 -19.62 -4.61 -17.85
C THR D 45 -18.51 -5.19 -16.99
N LEU D 46 -17.34 -5.41 -17.60
CA LEU D 46 -16.17 -5.92 -16.91
C LEU D 46 -15.80 -5.01 -15.75
N PHE D 47 -15.81 -3.71 -16.01
CA PHE D 47 -15.46 -2.72 -15.00
C PHE D 47 -16.46 -2.76 -13.84
N LYS D 48 -17.74 -2.74 -14.16
CA LYS D 48 -18.79 -2.85 -13.15
C LYS D 48 -18.65 -4.11 -12.30
N TRP D 49 -18.31 -5.23 -12.93
CA TRP D 49 -18.15 -6.48 -12.18
C TRP D 49 -16.99 -6.39 -11.22
N MET D 50 -15.83 -6.01 -11.74
CA MET D 50 -14.60 -5.99 -10.96
C MET D 50 -14.64 -5.01 -9.80
N ILE D 51 -15.18 -3.82 -10.04
CA ILE D 51 -15.09 -2.75 -9.07
C ILE D 51 -16.34 -2.61 -8.20
N PHE D 52 -17.50 -2.87 -8.78
CA PHE D 52 -18.75 -2.58 -8.08
C PHE D 52 -19.59 -3.80 -7.73
N ASN D 53 -19.17 -4.99 -8.18
CA ASN D 53 -19.95 -6.18 -7.88
C ASN D 53 -19.12 -7.38 -7.41
N GLY D 54 -17.93 -7.12 -6.87
CA GLY D 54 -17.16 -8.18 -6.23
C GLY D 54 -16.38 -9.08 -7.16
N GLY D 55 -16.42 -8.80 -8.46
CA GLY D 55 -15.74 -9.62 -9.44
C GLY D 55 -16.72 -10.18 -10.46
N ALA D 56 -16.18 -10.86 -11.47
CA ALA D 56 -17.01 -11.45 -12.52
C ALA D 56 -17.74 -12.70 -12.03
N PRO D 57 -19.03 -12.80 -12.35
CA PRO D 57 -19.87 -13.94 -11.95
C PRO D 57 -19.61 -15.17 -12.82
N ASN D 58 -20.17 -16.31 -12.41
CA ASN D 58 -19.99 -17.58 -13.10
C ASN D 58 -18.52 -17.90 -13.31
N CYS D 59 -17.74 -17.65 -12.26
CA CYS D 59 -16.31 -17.88 -12.28
C CYS D 59 -16.03 -19.38 -12.22
N ILE D 60 -15.36 -19.89 -13.24
CA ILE D 60 -15.02 -21.30 -13.29
C ILE D 60 -13.52 -21.49 -13.17
N PRO D 61 -13.07 -22.09 -12.05
CA PRO D 61 -11.65 -22.34 -11.84
C PRO D 61 -11.10 -23.40 -12.79
N CYS D 62 -9.90 -23.17 -13.31
CA CYS D 62 -9.28 -24.10 -14.23
C CYS D 62 -8.89 -25.39 -13.55
N LYS D 63 -8.44 -25.28 -12.30
CA LYS D 63 -7.94 -26.44 -11.59
C LYS D 63 -8.78 -26.78 -10.37
N GLU D 64 -9.64 -27.78 -10.50
CA GLU D 64 -10.44 -28.22 -9.37
C GLU D 64 -9.78 -29.36 -8.62
N THR D 65 -8.79 -29.99 -9.24
CA THR D 65 -8.02 -31.03 -8.58
C THR D 65 -6.54 -30.72 -8.74
N CYS D 66 -5.69 -31.64 -8.30
CA CYS D 66 -4.26 -31.41 -8.39
C CYS D 66 -3.68 -31.86 -9.73
N GLU D 67 -4.52 -32.42 -10.59
CA GLU D 67 -4.09 -32.85 -11.91
C GLU D 67 -3.69 -31.65 -12.77
N ASN D 68 -2.53 -31.76 -13.41
CA ASN D 68 -1.97 -30.70 -14.26
C ASN D 68 -1.66 -29.42 -13.52
N VAL D 69 -1.65 -29.48 -12.20
CA VAL D 69 -1.26 -28.33 -11.39
C VAL D 69 0.25 -28.34 -11.21
N ASP D 70 0.88 -27.21 -11.56
CA ASP D 70 2.31 -27.07 -11.36
C ASP D 70 2.58 -26.06 -10.24
N CYS D 71 2.90 -26.58 -9.05
CA CYS D 71 3.13 -25.74 -7.89
C CYS D 71 4.51 -25.10 -7.92
N GLY D 72 5.39 -25.65 -8.75
CA GLY D 72 6.74 -25.16 -8.86
C GLY D 72 7.68 -25.93 -7.95
N PRO D 73 8.91 -25.44 -7.80
CA PRO D 73 9.93 -26.13 -6.99
C PRO D 73 9.74 -25.90 -5.49
N GLY D 74 9.94 -26.94 -4.69
CA GLY D 74 9.78 -26.84 -3.25
C GLY D 74 8.35 -26.96 -2.77
N LYS D 75 7.41 -26.99 -3.71
CA LYS D 75 5.99 -27.09 -3.39
C LYS D 75 5.32 -28.30 -4.04
N LYS D 76 4.22 -28.74 -3.44
CA LYS D 76 3.43 -29.84 -3.99
C LYS D 76 1.94 -29.56 -3.85
N CYS D 77 1.16 -30.03 -4.83
CA CYS D 77 -0.28 -29.83 -4.79
C CYS D 77 -0.94 -30.88 -3.92
N ARG D 78 -1.71 -30.42 -2.94
CA ARG D 78 -2.44 -31.30 -2.06
C ARG D 78 -3.89 -30.84 -1.96
N MET D 79 -4.81 -31.80 -1.97
CA MET D 79 -6.21 -31.48 -1.70
C MET D 79 -6.34 -31.26 -0.20
N ASN D 80 -6.98 -30.16 0.20
CA ASN D 80 -7.15 -29.88 1.63
C ASN D 80 -8.34 -30.64 2.20
N LYS D 81 -8.79 -30.27 3.38
CA LYS D 81 -9.90 -30.97 4.02
C LYS D 81 -11.25 -30.62 3.36
N LYS D 82 -11.33 -29.45 2.76
CA LYS D 82 -12.53 -29.08 2.00
C LYS D 82 -12.39 -29.44 0.52
N ASN D 83 -11.47 -30.36 0.24
CA ASN D 83 -11.27 -30.93 -1.08
C ASN D 83 -11.01 -29.90 -2.19
N LYS D 84 -10.11 -28.96 -1.93
CA LYS D 84 -9.64 -28.01 -2.93
C LYS D 84 -8.14 -28.09 -3.09
N PRO D 85 -7.65 -27.94 -4.33
CA PRO D 85 -6.21 -28.03 -4.57
C PRO D 85 -5.47 -26.84 -3.98
N ARG D 86 -4.39 -27.12 -3.24
CA ARG D 86 -3.55 -26.07 -2.68
C ARG D 86 -2.09 -26.41 -2.91
N CYS D 87 -1.30 -25.42 -3.28
CA CYS D 87 0.14 -25.59 -3.36
C CYS D 87 0.75 -25.38 -1.98
N VAL D 88 1.14 -26.47 -1.34
CA VAL D 88 1.73 -26.38 -0.01
C VAL D 88 3.24 -26.54 -0.09
N CYS D 89 3.94 -26.04 0.93
CA CYS D 89 5.39 -26.15 0.98
C CYS D 89 5.79 -27.55 1.40
N ALA D 90 6.61 -28.17 0.57
CA ALA D 90 7.12 -29.51 0.85
C ALA D 90 8.58 -29.59 0.44
N PRO D 91 9.48 -29.06 1.27
CA PRO D 91 10.90 -29.08 0.95
C PRO D 91 11.49 -30.45 1.19
N ASP D 92 12.67 -30.67 0.64
CA ASP D 92 13.33 -31.96 0.76
C ASP D 92 14.19 -31.96 2.01
N CYS D 93 13.74 -32.66 3.04
CA CYS D 93 14.44 -32.66 4.31
C CYS D 93 15.20 -33.98 4.44
N SER D 94 15.20 -34.72 3.33
CA SER D 94 15.78 -36.05 3.23
C SER D 94 17.22 -36.17 3.72
N ASN D 95 18.11 -35.39 3.09
CA ASN D 95 19.54 -35.53 3.24
C ASN D 95 20.10 -34.45 4.17
N ILE D 96 19.39 -34.20 5.26
CA ILE D 96 19.84 -33.28 6.29
C ILE D 96 20.28 -34.06 7.51
N THR D 97 21.55 -33.90 7.88
CA THR D 97 22.14 -34.73 8.92
C THR D 97 21.85 -34.16 10.30
N TRP D 98 21.90 -32.84 10.42
CA TRP D 98 21.54 -32.17 11.67
C TRP D 98 20.03 -32.22 11.89
N LYS D 99 19.61 -32.79 13.01
CA LYS D 99 18.18 -32.90 13.29
C LYS D 99 17.80 -32.05 14.50
N GLY D 100 18.73 -31.25 14.97
CA GLY D 100 18.49 -30.37 16.09
C GLY D 100 17.97 -29.01 15.69
N PRO D 101 17.80 -28.12 16.68
CA PRO D 101 17.34 -26.76 16.40
C PRO D 101 18.38 -25.95 15.64
N VAL D 102 17.94 -24.92 14.93
CA VAL D 102 18.85 -24.07 14.17
C VAL D 102 18.53 -22.61 14.38
N CYS D 103 19.53 -21.75 14.22
CA CYS D 103 19.32 -20.31 14.27
C CYS D 103 19.22 -19.75 12.86
N GLY D 104 18.08 -19.14 12.55
CA GLY D 104 17.87 -18.58 11.22
C GLY D 104 18.50 -17.20 11.08
N LEU D 105 18.69 -16.77 9.83
CA LEU D 105 19.22 -15.44 9.53
C LEU D 105 18.33 -14.33 10.08
N ASP D 106 17.06 -14.64 10.28
CA ASP D 106 16.12 -13.68 10.85
C ASP D 106 16.24 -13.60 12.36
N GLY D 107 17.22 -14.29 12.93
CA GLY D 107 17.46 -14.23 14.35
C GLY D 107 16.44 -14.98 15.18
N LYS D 108 15.69 -15.87 14.53
CA LYS D 108 14.71 -16.73 15.19
C LYS D 108 15.22 -18.19 15.19
N THR D 109 15.08 -18.88 16.32
CA THR D 109 15.49 -20.29 16.45
C THR D 109 14.37 -21.22 15.95
N TYR D 110 14.70 -22.14 15.04
CA TYR D 110 13.71 -23.05 14.50
C TYR D 110 13.95 -24.45 15.04
N ARG D 111 12.87 -25.23 15.17
CA ARG D 111 12.92 -26.52 15.87
C ARG D 111 13.91 -27.43 15.16
N ASN D 112 13.99 -27.31 13.85
CA ASN D 112 15.01 -28.00 13.07
C ASN D 112 15.16 -27.38 11.69
N GLU D 113 16.10 -27.92 10.93
CA GLU D 113 16.36 -27.47 9.57
C GLU D 113 15.12 -27.50 8.68
N CYS D 114 14.42 -28.64 8.71
CA CYS D 114 13.21 -28.82 7.91
C CYS D 114 12.17 -27.75 8.20
N ALA D 115 12.04 -27.38 9.47
CA ALA D 115 11.11 -26.35 9.87
C ALA D 115 11.50 -24.98 9.30
N LEU D 116 12.79 -24.70 9.31
CA LEU D 116 13.30 -23.45 8.77
C LEU D 116 13.04 -23.41 7.26
N LEU D 117 13.30 -24.54 6.62
CA LEU D 117 13.06 -24.65 5.17
C LEU D 117 11.59 -24.47 4.84
N LYS D 118 10.72 -24.85 5.76
CA LYS D 118 9.29 -24.73 5.52
C LYS D 118 8.84 -23.28 5.73
N ALA D 119 9.49 -22.61 6.68
CA ALA D 119 9.25 -21.19 6.88
C ALA D 119 9.84 -20.38 5.73
N ARG D 120 10.95 -20.89 5.17
CA ARG D 120 11.54 -20.27 4.00
C ARG D 120 10.57 -20.25 2.83
N CYS D 121 9.89 -21.39 2.64
CA CYS D 121 8.99 -21.57 1.52
C CYS D 121 7.70 -20.75 1.67
N LYS D 122 7.13 -20.75 2.87
CA LYS D 122 5.86 -20.07 3.10
C LYS D 122 5.95 -18.56 3.15
N GLU D 123 6.95 -18.04 3.87
CA GLU D 123 6.94 -16.63 4.23
C GLU D 123 8.25 -15.87 4.04
N GLN D 124 9.38 -16.53 4.20
CA GLN D 124 10.66 -15.84 4.08
C GLN D 124 11.61 -16.47 3.05
N PRO D 125 11.52 -16.02 1.80
CA PRO D 125 12.35 -16.54 0.69
C PRO D 125 13.86 -16.41 0.90
N GLU D 126 14.28 -15.54 1.81
CA GLU D 126 15.72 -15.32 2.04
C GLU D 126 16.22 -16.11 3.25
N LEU D 127 15.30 -16.74 3.97
CA LEU D 127 15.64 -17.44 5.20
C LEU D 127 16.63 -18.59 5.01
N GLU D 128 17.74 -18.51 5.76
CA GLU D 128 18.76 -19.54 5.79
C GLU D 128 19.23 -19.79 7.22
N VAL D 129 19.95 -20.88 7.42
CA VAL D 129 20.61 -21.14 8.69
C VAL D 129 21.96 -20.44 8.77
N GLN D 130 22.16 -19.68 9.83
CA GLN D 130 23.45 -19.03 10.05
C GLN D 130 24.30 -19.84 11.03
N TYR D 131 23.66 -20.52 11.97
CA TYR D 131 24.36 -21.50 12.80
C TYR D 131 23.42 -22.48 13.48
N GLN D 132 23.97 -23.64 13.84
CA GLN D 132 23.21 -24.71 14.50
C GLN D 132 22.95 -24.38 15.97
N GLY D 133 21.90 -24.97 16.52
CA GLY D 133 21.51 -24.68 17.89
C GLY D 133 20.60 -23.47 17.95
N ARG D 134 20.26 -23.03 19.16
CA ARG D 134 19.40 -21.87 19.33
C ARG D 134 20.15 -20.57 19.03
N CYS D 135 19.42 -19.56 18.59
CA CYS D 135 19.98 -18.21 18.47
C CYS D 135 20.39 -17.77 19.86
N LYS D 136 21.51 -17.06 19.98
CA LYS D 136 22.01 -16.70 21.30
C LYS D 136 22.18 -15.22 21.53
N LYS D 137 22.33 -14.85 22.80
CA LYS D 137 22.69 -13.51 23.19
C LYS D 137 24.17 -13.55 23.57
N THR D 138 24.93 -12.56 23.10
CA THR D 138 26.41 -12.54 23.17
C THR D 138 27.00 -13.64 22.29
N CYS D 139 28.26 -13.48 21.92
CA CYS D 139 28.93 -14.47 21.08
C CYS D 139 29.60 -15.58 21.89
N ARG D 140 29.35 -15.60 23.19
CA ARG D 140 29.96 -16.61 24.06
C ARG D 140 29.45 -17.99 23.66
N ASP D 141 30.37 -18.92 23.40
CA ASP D 141 30.04 -20.27 22.97
C ASP D 141 29.15 -20.32 21.73
N VAL D 142 29.31 -19.34 20.85
CA VAL D 142 28.75 -19.43 19.52
C VAL D 142 29.85 -19.85 18.56
N PHE D 143 29.86 -21.12 18.18
CA PHE D 143 30.86 -21.60 17.24
C PHE D 143 30.34 -21.56 15.80
N CYS D 144 30.76 -20.54 15.06
CA CYS D 144 30.28 -20.31 13.71
C CYS D 144 30.89 -21.27 12.70
N PRO D 145 30.08 -21.71 11.72
CA PRO D 145 30.50 -22.65 10.68
C PRO D 145 31.45 -22.01 9.67
N GLY D 146 32.39 -22.79 9.14
CA GLY D 146 33.27 -22.32 8.10
C GLY D 146 34.14 -21.12 8.45
N SER D 147 34.24 -20.19 7.51
CA SER D 147 35.06 -19.00 7.69
C SER D 147 34.29 -17.87 8.36
N SER D 148 33.02 -18.11 8.67
CA SER D 148 32.20 -17.09 9.31
C SER D 148 32.60 -16.92 10.77
N THR D 149 32.44 -15.71 11.30
CA THR D 149 32.79 -15.40 12.69
C THR D 149 31.63 -14.70 13.38
N CYS D 150 31.67 -14.63 14.70
CA CYS D 150 30.53 -14.12 15.45
C CYS D 150 30.59 -12.63 15.74
N VAL D 151 29.43 -11.98 15.62
CA VAL D 151 29.26 -10.59 16.02
C VAL D 151 27.91 -10.42 16.71
N VAL D 152 27.75 -9.36 17.49
CA VAL D 152 26.46 -9.04 18.08
C VAL D 152 25.94 -7.71 17.53
N ASP D 153 24.61 -7.58 17.47
CA ASP D 153 24.01 -6.33 17.00
C ASP D 153 23.73 -5.42 18.20
N GLN D 154 22.83 -4.46 18.03
CA GLN D 154 22.57 -3.45 19.05
C GLN D 154 21.83 -4.00 20.26
N THR D 155 21.16 -5.14 20.10
CA THR D 155 20.52 -5.78 21.25
C THR D 155 21.20 -7.08 21.66
N ASN D 156 22.50 -7.17 21.39
CA ASN D 156 23.33 -8.29 21.86
C ASN D 156 22.96 -9.66 21.26
N ASN D 157 22.21 -9.66 20.17
CA ASN D 157 21.94 -10.92 19.46
C ASN D 157 23.15 -11.35 18.64
N ALA D 158 23.47 -12.64 18.69
CA ALA D 158 24.66 -13.14 17.99
C ALA D 158 24.35 -13.56 16.56
N TYR D 159 25.25 -13.20 15.65
CA TYR D 159 25.13 -13.59 14.25
C TYR D 159 26.43 -14.22 13.78
N CYS D 160 26.32 -15.20 12.89
CA CYS D 160 27.50 -15.73 12.23
C CYS D 160 27.58 -15.14 10.85
N VAL D 161 28.56 -14.29 10.64
CA VAL D 161 28.69 -13.57 9.39
C VAL D 161 30.07 -13.78 8.82
N THR D 162 30.21 -13.56 7.52
CA THR D 162 31.51 -13.63 6.89
C THR D 162 32.05 -12.23 6.77
N CYS D 163 33.02 -11.90 7.61
CA CYS D 163 33.63 -10.59 7.48
C CYS D 163 34.44 -10.59 6.20
N ASN D 164 34.35 -9.51 5.44
CA ASN D 164 35.23 -9.33 4.30
C ASN D 164 36.48 -8.78 4.97
N ARG D 165 37.65 -9.30 4.63
CA ARG D 165 38.86 -8.81 5.28
C ARG D 165 39.84 -8.18 4.28
N ILE D 166 39.43 -8.08 3.01
CA ILE D 166 40.23 -7.39 1.99
C ILE D 166 39.77 -5.96 1.73
N CYS D 167 40.36 -5.06 2.50
CA CYS D 167 40.18 -3.62 2.34
C CYS D 167 41.07 -3.07 1.25
N PRO D 168 40.58 -2.10 0.44
CA PRO D 168 41.64 -1.50 -0.35
C PRO D 168 42.50 -0.57 0.50
N GLU D 169 43.77 -0.93 0.71
CA GLU D 169 44.62 -0.11 1.56
C GLU D 169 45.03 1.12 0.77
N PRO D 170 45.06 2.29 1.43
CA PRO D 170 45.34 3.56 0.74
C PRO D 170 46.83 3.88 0.66
N SER D 173 45.23 8.73 2.65
CA SER D 173 45.15 10.19 2.82
C SER D 173 44.48 10.54 4.14
N GLU D 174 43.48 11.42 4.09
CA GLU D 174 42.71 11.74 5.27
C GLU D 174 41.48 10.85 5.33
N GLN D 175 41.72 9.54 5.16
CA GLN D 175 40.69 8.53 5.32
C GLN D 175 40.76 8.01 6.74
N TYR D 176 41.76 8.50 7.49
CA TYR D 176 41.91 8.13 8.89
C TYR D 176 40.70 8.43 9.75
N LEU D 177 40.41 7.49 10.63
CA LEU D 177 39.30 7.61 11.57
C LEU D 177 39.77 7.35 12.99
N CYS D 178 39.17 8.05 13.94
CA CYS D 178 39.43 7.77 15.35
C CYS D 178 38.25 7.01 15.94
N GLY D 179 38.49 5.75 16.30
CA GLY D 179 37.45 4.93 16.93
C GLY D 179 37.18 5.38 18.36
N ASN D 180 36.08 4.90 18.92
CA ASN D 180 35.75 5.18 20.31
C ASN D 180 36.68 4.44 21.27
N ASP D 181 37.46 3.52 20.74
CA ASP D 181 38.44 2.77 21.51
C ASP D 181 39.76 3.53 21.62
N GLY D 182 39.79 4.74 21.06
CA GLY D 182 41.00 5.54 21.09
C GLY D 182 42.06 5.03 20.13
N VAL D 183 41.64 4.20 19.19
CA VAL D 183 42.55 3.63 18.20
C VAL D 183 42.35 4.28 16.84
N THR D 184 43.45 4.59 16.17
CA THR D 184 43.39 5.22 14.86
C THR D 184 43.35 4.17 13.75
N TYR D 185 42.42 4.35 12.80
CA TYR D 185 42.25 3.40 11.71
C TYR D 185 42.47 4.10 10.37
N SER D 186 43.14 3.40 9.44
CA SER D 186 43.53 4.00 8.16
C SER D 186 42.33 4.35 7.29
N SER D 187 41.27 3.56 7.38
CA SER D 187 40.06 3.82 6.63
C SER D 187 38.84 3.22 7.32
N ALA D 188 37.66 3.59 6.84
CA ALA D 188 36.41 3.05 7.36
C ALA D 188 36.38 1.54 7.19
N CYS D 189 36.93 1.07 6.08
CA CYS D 189 37.00 -0.36 5.80
C CYS D 189 37.73 -1.10 6.93
N HIS D 190 38.86 -0.55 7.35
CA HIS D 190 39.65 -1.17 8.41
C HIS D 190 38.94 -1.09 9.75
N LEU D 191 38.27 0.05 9.99
CA LEU D 191 37.47 0.19 11.19
C LEU D 191 36.37 -0.87 11.18
N ARG D 192 35.74 -1.04 10.02
CA ARG D 192 34.68 -2.02 9.88
C ARG D 192 35.18 -3.44 10.09
N LYS D 193 36.37 -3.73 9.61
CA LYS D 193 36.84 -5.09 9.69
C LYS D 193 37.38 -5.34 11.09
N ALA D 194 37.99 -4.34 11.69
CA ALA D 194 38.38 -4.44 13.08
C ALA D 194 37.15 -4.66 13.95
N THR D 195 36.09 -3.90 13.66
CA THR D 195 34.84 -4.03 14.38
C THR D 195 34.28 -5.43 14.20
N CYS D 196 34.28 -5.88 12.95
CA CYS D 196 33.75 -7.18 12.61
C CYS D 196 34.57 -8.24 13.34
N LEU D 197 35.88 -8.05 13.44
CA LEU D 197 36.71 -9.05 14.08
C LEU D 197 36.62 -9.05 15.60
N LEU D 198 36.43 -7.87 16.17
CA LEU D 198 36.25 -7.74 17.60
C LEU D 198 34.96 -8.46 18.02
N GLY D 199 33.95 -8.39 17.15
CA GLY D 199 32.70 -9.09 17.41
C GLY D 199 31.61 -8.17 17.94
N ARG D 200 31.91 -6.88 18.01
CA ARG D 200 30.95 -5.91 18.51
C ARG D 200 31.31 -4.50 18.05
N SER D 201 30.33 -3.59 18.08
CA SER D 201 30.54 -2.21 17.66
C SER D 201 31.68 -1.53 18.42
N ILE D 202 32.58 -0.87 17.69
CA ILE D 202 33.58 -0.02 18.30
C ILE D 202 33.08 1.41 18.28
N GLY D 203 32.67 1.85 17.09
CA GLY D 203 32.10 3.18 16.92
C GLY D 203 33.10 4.22 16.48
N LEU D 204 32.63 5.14 15.63
CA LEU D 204 33.45 6.23 15.15
C LEU D 204 33.33 7.44 16.07
N ALA D 205 34.45 7.87 16.65
CA ALA D 205 34.47 9.08 17.46
C ALA D 205 34.53 10.34 16.60
N TYR D 206 35.49 10.37 15.68
CA TYR D 206 35.65 11.49 14.76
C TYR D 206 36.66 11.15 13.67
N GLU D 207 36.44 11.69 12.47
CA GLU D 207 37.40 11.59 11.38
C GLU D 207 38.76 12.20 11.75
N GLY D 208 39.82 11.54 11.31
CA GLY D 208 41.16 12.01 11.54
C GLY D 208 41.83 11.11 12.56
N LYS D 209 43.06 11.43 12.94
CA LYS D 209 43.78 10.65 13.94
C LYS D 209 43.19 10.91 15.32
N CYS D 210 43.24 9.90 16.19
CA CYS D 210 42.90 10.08 17.59
C CYS D 210 43.87 11.05 18.24
N ILE D 211 43.34 11.97 19.05
CA ILE D 211 44.16 12.89 19.81
C ILE D 211 43.90 12.73 21.30
N LYS D 212 44.93 13.00 22.10
CA LYS D 212 44.77 12.95 23.55
C LYS D 212 44.14 14.25 24.03
N ALA D 213 42.83 14.36 23.79
CA ALA D 213 42.06 15.53 24.19
C ALA D 213 41.73 15.47 25.67
N LYS D 214 41.66 16.63 26.32
CA LYS D 214 41.31 16.66 27.74
C LYS D 214 39.92 17.26 27.91
N SER D 215 39.38 17.80 26.82
CA SER D 215 37.98 18.20 26.76
C SER D 215 37.53 18.28 25.30
N CYS D 216 36.28 18.64 25.09
CA CYS D 216 35.76 18.78 23.73
C CYS D 216 36.35 20.01 23.05
N GLU D 217 37.01 20.86 23.83
CA GLU D 217 37.64 22.06 23.31
C GLU D 217 38.83 21.71 22.43
N ASP D 218 39.43 20.56 22.72
CA ASP D 218 40.58 20.09 21.96
C ASP D 218 40.18 19.42 20.65
N ILE D 219 38.92 19.03 20.57
CA ILE D 219 38.42 18.32 19.39
C ILE D 219 37.54 19.21 18.52
N GLN D 220 37.92 19.38 17.26
CA GLN D 220 37.07 20.05 16.28
C GLN D 220 36.22 19.08 15.49
N CYS D 221 34.91 19.25 15.59
CA CYS D 221 34.00 18.38 14.84
C CYS D 221 33.65 18.99 13.49
N THR D 222 33.80 18.18 12.45
CA THR D 222 33.50 18.60 11.08
C THR D 222 32.16 18.05 10.60
N GLY D 223 31.44 18.84 9.82
CA GLY D 223 30.26 18.37 9.11
C GLY D 223 28.97 18.41 9.92
N GLY D 224 28.76 19.53 10.62
CA GLY D 224 27.52 19.76 11.34
C GLY D 224 27.40 19.00 12.64
N LYS D 225 28.49 18.36 13.05
CA LYS D 225 28.49 17.56 14.27
C LYS D 225 28.94 18.38 15.49
N LYS D 226 28.57 17.89 16.68
CA LYS D 226 28.96 18.52 17.93
C LYS D 226 29.79 17.55 18.77
N CYS D 227 30.69 18.09 19.60
CA CYS D 227 31.49 17.23 20.47
C CYS D 227 30.74 16.81 21.73
N LEU D 228 30.76 15.52 22.01
CA LEU D 228 30.19 15.00 23.24
C LEU D 228 31.27 14.31 24.04
N TRP D 229 31.36 14.61 25.32
CA TRP D 229 32.43 14.07 26.16
C TRP D 229 31.94 12.88 26.99
N ASP D 230 32.74 11.81 26.97
CA ASP D 230 32.46 10.62 27.75
C ASP D 230 33.30 10.65 29.02
N PHE D 231 32.67 10.97 30.14
CA PHE D 231 33.37 11.13 31.40
C PHE D 231 33.79 9.81 32.05
N LYS D 232 33.24 8.70 31.57
CA LYS D 232 33.59 7.40 32.11
C LYS D 232 34.95 6.91 31.60
N VAL D 233 35.31 7.29 30.39
CA VAL D 233 36.57 6.85 29.79
C VAL D 233 37.48 8.03 29.43
N GLY D 234 36.97 9.25 29.59
CA GLY D 234 37.76 10.44 29.33
C GLY D 234 38.10 10.68 27.88
N ARG D 235 37.18 10.34 26.99
CA ARG D 235 37.37 10.59 25.56
C ARG D 235 36.15 11.23 24.94
N GLY D 236 36.36 12.00 23.88
CA GLY D 236 35.29 12.70 23.21
C GLY D 236 34.93 12.05 21.89
N ARG D 237 33.78 12.43 21.35
CA ARG D 237 33.31 11.91 20.09
C ARG D 237 32.47 12.99 19.40
N CYS D 238 32.45 12.97 18.07
CA CYS D 238 31.62 13.91 17.31
C CYS D 238 30.30 13.27 16.87
N SER D 239 29.20 13.80 17.39
CA SER D 239 27.88 13.24 17.11
C SER D 239 27.01 14.25 16.36
N LEU D 240 26.11 13.73 15.54
CA LEU D 240 25.28 14.57 14.67
C LEU D 240 24.37 15.56 15.42
N CYS D 241 23.64 15.07 16.42
CA CYS D 241 22.76 15.94 17.23
C CYS D 241 21.73 16.75 16.45
N ASP D 242 21.23 16.21 15.35
CA ASP D 242 20.31 16.94 14.50
C ASP D 242 18.87 16.44 14.64
N GLU D 243 18.72 15.19 15.07
CA GLU D 243 17.41 14.56 15.11
C GLU D 243 16.44 15.13 16.15
N LEU D 244 15.17 15.11 15.79
CA LEU D 244 14.05 15.57 16.62
C LEU D 244 13.37 14.40 17.33
N CYS D 245 12.65 14.70 18.41
CA CYS D 245 11.87 13.68 19.09
C CYS D 245 10.40 13.91 18.83
N PRO D 246 9.74 12.93 18.20
CA PRO D 246 8.29 12.95 17.94
C PRO D 246 7.46 12.96 19.22
N LYS D 249 4.90 11.11 21.18
CA LYS D 249 4.42 9.77 20.89
C LYS D 249 4.30 8.95 22.17
N SER D 250 4.00 7.66 22.02
CA SER D 250 3.93 6.75 23.15
C SER D 250 5.34 6.38 23.61
N ASP D 251 6.08 7.37 24.11
CA ASP D 251 7.48 7.16 24.42
C ASP D 251 7.66 6.27 25.64
N GLU D 252 8.79 5.57 25.68
CA GLU D 252 9.16 4.70 26.78
C GLU D 252 10.33 5.32 27.52
N PRO D 253 10.16 5.59 28.82
CA PRO D 253 11.21 6.25 29.61
C PRO D 253 12.43 5.39 29.80
N VAL D 254 13.58 6.05 29.97
CA VAL D 254 14.86 5.35 30.09
C VAL D 254 15.67 5.91 31.26
N CYS D 255 16.60 5.09 31.74
CA CYS D 255 17.53 5.53 32.77
C CYS D 255 18.91 5.70 32.14
N ALA D 256 19.44 6.92 32.17
CA ALA D 256 20.68 7.22 31.45
C ALA D 256 21.91 7.10 32.33
N SER D 257 23.07 7.18 31.71
CA SER D 257 24.35 7.01 32.40
C SER D 257 24.66 8.15 33.36
N ASP D 258 23.87 9.22 33.31
CA ASP D 258 24.01 10.31 34.28
C ASP D 258 23.09 10.05 35.49
N ASN D 259 22.51 8.86 35.50
CA ASN D 259 21.59 8.41 36.54
C ASN D 259 20.35 9.29 36.65
N ALA D 260 19.87 9.74 35.49
CA ALA D 260 18.66 10.54 35.42
C ALA D 260 17.62 9.85 34.55
N THR D 261 16.37 10.23 34.74
CA THR D 261 15.26 9.67 33.98
C THR D 261 14.89 10.57 32.83
N TYR D 262 14.75 10.00 31.64
CA TYR D 262 14.28 10.78 30.48
C TYR D 262 13.01 10.17 29.92
N ALA D 263 12.24 10.98 29.21
CA ALA D 263 10.96 10.56 28.64
C ALA D 263 11.17 9.41 27.66
N SER D 264 12.26 9.48 26.92
CA SER D 264 12.61 8.49 25.92
C SER D 264 14.10 8.55 25.66
N GLU D 265 14.65 7.52 25.02
CA GLU D 265 16.05 7.52 24.64
C GLU D 265 16.39 8.73 23.79
N CYS D 266 15.41 9.16 22.99
CA CYS D 266 15.57 10.32 22.12
C CYS D 266 15.69 11.60 22.95
N ALA D 267 14.87 11.71 23.99
CA ALA D 267 14.96 12.85 24.91
C ALA D 267 16.32 12.88 25.59
N MET D 268 16.86 11.68 25.84
CA MET D 268 18.17 11.56 26.47
C MET D 268 19.25 12.09 25.53
N LYS D 269 19.17 11.70 24.27
CA LYS D 269 20.11 12.15 23.25
C LYS D 269 20.11 13.67 23.13
N GLU D 270 18.94 14.30 23.16
CA GLU D 270 18.89 15.75 23.09
C GLU D 270 19.55 16.44 24.27
N ALA D 271 19.34 15.92 25.47
CA ALA D 271 19.97 16.49 26.65
C ALA D 271 21.48 16.31 26.55
N ALA D 272 21.90 15.19 25.97
CA ALA D 272 23.31 14.92 25.76
C ALA D 272 23.91 15.92 24.78
N CYS D 273 23.25 16.12 23.65
CA CYS D 273 23.71 17.05 22.63
C CYS D 273 23.73 18.49 23.15
N SER D 274 22.74 18.86 23.96
CA SER D 274 22.69 20.20 24.53
C SER D 274 23.84 20.47 25.47
N SER D 275 24.06 19.54 26.40
CA SER D 275 25.04 19.74 27.45
C SER D 275 26.45 19.39 27.02
N GLY D 276 26.58 18.65 25.92
CA GLY D 276 27.89 18.22 25.45
C GLY D 276 28.44 17.06 26.25
N VAL D 277 27.55 16.36 26.96
CA VAL D 277 27.93 15.20 27.75
C VAL D 277 27.36 13.94 27.13
N LEU D 278 28.22 12.98 26.82
CA LEU D 278 27.75 11.71 26.25
C LEU D 278 26.85 10.98 27.24
N LEU D 279 25.66 10.63 26.79
CA LEU D 279 24.72 9.90 27.63
C LEU D 279 24.32 8.61 26.95
N GLU D 280 24.30 7.52 27.70
CA GLU D 280 23.86 6.26 27.15
C GLU D 280 22.86 5.59 28.09
N VAL D 281 22.00 4.76 27.54
CA VAL D 281 20.98 4.08 28.33
C VAL D 281 21.62 3.10 29.30
N LYS D 282 21.31 3.29 30.58
CA LYS D 282 21.78 2.42 31.65
C LYS D 282 20.90 1.18 31.70
N HIS D 283 19.60 1.40 31.84
CA HIS D 283 18.62 0.35 31.67
C HIS D 283 17.29 0.94 31.18
N SER D 284 16.43 0.08 30.67
CA SER D 284 15.13 0.52 30.18
C SER D 284 14.21 0.86 31.35
N GLY D 285 13.28 1.78 31.12
CA GLY D 285 12.35 2.17 32.16
C GLY D 285 12.88 3.37 32.92
N SER D 286 12.03 3.96 33.75
CA SER D 286 12.41 5.11 34.56
C SER D 286 13.45 4.70 35.60
N CYS D 287 14.26 5.67 36.05
CA CYS D 287 15.19 5.38 37.13
C CYS D 287 14.39 5.23 38.41
N ASN D 288 14.33 4.00 38.90
CA ASN D 288 13.49 3.67 40.05
C ASN D 288 13.91 4.47 41.29
#